data_5W8V
#
_entry.id   5W8V
#
_cell.length_a   56.667
_cell.length_b   128.399
_cell.length_c   65.326
_cell.angle_alpha   90.00
_cell.angle_beta   102.98
_cell.angle_gamma   90.00
#
_symmetry.space_group_name_H-M   'P 1 21 1'
#
loop_
_entity.id
_entity.type
_entity.pdbx_description
1 polymer 'Hypoxanthine-guanine phosphoribosyltransferase'
2 non-polymer '{[(2R)-2-[(2-amino-6-oxo-1,6-dihydro-9H-purin-9-yl)methyl]-3-(2-phosphonoethoxy)propoxy]methyl}phosphonic acid'
3 non-polymer 'MAGNESIUM ION'
4 water water
#
_entity_poly.entity_id   1
_entity_poly.type   'polypeptide(L)'
_entity_poly.pdbx_seq_one_letter_code
;ASPGVVISDDEPGYDLDLFCIPNHYAEDLERVFIPHGLIMDRTERLARDVMKEMGGHHIVALCVLKGGYKFFADLLDYIK
ALNRNSDRSIPMTVDFIRLKSYCNDQSTGDIKVIGGDDLSTLTGKNVLIVEDIIDTGKTMQTLLSLVRQYNPKMVKVASL
LVKRTPRSVGYKPDFVGFEIPDKFVVGYALDYNEYFRDLNHVCVISETGKAKYKA
;
_entity_poly.pdbx_strand_id   A,B,C,D
#
# COMPACT_ATOMS: atom_id res chain seq x y z
N ALA A 1 -0.22 -26.60 -7.07
CA ALA A 1 0.37 -26.92 -8.36
C ALA A 1 -0.45 -26.35 -9.51
N SER A 2 -0.90 -25.12 -9.35
CA SER A 2 -1.69 -24.43 -10.38
C SER A 2 -0.79 -23.83 -11.45
N PRO A 3 -1.29 -23.72 -12.69
CA PRO A 3 -0.52 -23.09 -13.76
C PRO A 3 -0.52 -21.57 -13.64
N GLY A 4 -1.08 -21.06 -12.54
CA GLY A 4 -1.18 -19.63 -12.33
C GLY A 4 -2.46 -19.08 -12.92
N VAL A 5 -2.59 -17.77 -12.94
CA VAL A 5 -3.73 -17.12 -13.58
C VAL A 5 -3.57 -17.26 -15.10
N VAL A 6 -4.52 -17.94 -15.73
CA VAL A 6 -4.42 -18.21 -17.16
C VAL A 6 -4.96 -17.04 -17.99
N ILE A 7 -4.08 -16.41 -18.76
CA ILE A 7 -4.49 -15.40 -19.71
C ILE A 7 -4.48 -15.98 -21.13
N SER A 8 -5.66 -16.07 -21.73
CA SER A 8 -5.82 -16.72 -23.03
C SER A 8 -5.33 -15.88 -24.19
N ASP A 9 -5.16 -16.51 -25.34
CA ASP A 9 -4.74 -15.82 -26.56
C ASP A 9 -5.79 -14.81 -27.02
N ASP A 10 -7.03 -15.00 -26.58
CA ASP A 10 -8.14 -14.13 -26.96
C ASP A 10 -8.16 -12.81 -26.19
N GLU A 11 -7.47 -12.78 -25.06
CA GLU A 11 -7.50 -11.61 -24.17
C GLU A 11 -6.94 -10.36 -24.84
N PRO A 12 -7.79 -9.34 -25.01
CA PRO A 12 -7.45 -8.10 -25.73
C PRO A 12 -6.77 -7.05 -24.85
N GLY A 13 -6.89 -7.19 -23.53
CA GLY A 13 -6.32 -6.22 -22.62
C GLY A 13 -7.29 -5.12 -22.26
N TYR A 14 -6.76 -4.02 -21.72
CA TYR A 14 -7.59 -2.88 -21.34
C TYR A 14 -7.13 -1.62 -22.06
N ASP A 15 -8.08 -0.72 -22.32
CA ASP A 15 -7.78 0.58 -22.88
C ASP A 15 -6.88 1.36 -21.93
N LEU A 16 -5.93 2.10 -22.47
CA LEU A 16 -4.98 2.86 -21.65
C LEU A 16 -5.68 3.98 -20.88
N ASP A 17 -6.75 4.51 -21.45
CA ASP A 17 -7.50 5.60 -20.85
C ASP A 17 -8.25 5.22 -19.57
N LEU A 18 -8.33 3.91 -19.31
CA LEU A 18 -9.02 3.43 -18.11
C LEU A 18 -8.08 3.35 -16.91
N PHE A 19 -6.80 3.64 -17.15
CA PHE A 19 -5.79 3.53 -16.10
C PHE A 19 -4.87 4.74 -16.07
N CYS A 20 -4.05 4.82 -15.02
CA CYS A 20 -3.00 5.82 -14.93
C CYS A 20 -1.70 5.26 -15.50
N ILE A 21 -1.15 5.97 -16.49
CA ILE A 21 -0.01 5.50 -17.28
C ILE A 21 1.09 6.55 -17.24
N PRO A 22 2.37 6.11 -17.21
CA PRO A 22 3.49 7.03 -17.37
C PRO A 22 3.27 7.95 -18.56
N ASN A 23 3.33 9.25 -18.32
CA ASN A 23 3.05 10.25 -19.35
C ASN A 23 3.98 10.17 -20.55
N HIS A 24 5.21 9.73 -20.31
CA HIS A 24 6.21 9.62 -21.37
C HIS A 24 6.02 8.38 -22.25
N TYR A 25 5.09 7.51 -21.88
CA TYR A 25 4.81 6.29 -22.64
C TYR A 25 3.41 6.29 -23.24
N ALA A 26 2.76 7.44 -23.26
CA ALA A 26 1.37 7.55 -23.70
C ALA A 26 1.16 7.07 -25.14
N GLU A 27 2.14 7.33 -26.00
CA GLU A 27 2.03 6.93 -27.40
C GLU A 27 2.78 5.63 -27.67
N ASP A 28 3.52 5.16 -26.67
CA ASP A 28 4.41 4.01 -26.82
C ASP A 28 3.76 2.68 -26.42
N LEU A 29 2.57 2.77 -25.83
CA LEU A 29 1.86 1.58 -25.37
C LEU A 29 0.57 1.40 -26.14
N GLU A 30 0.18 0.15 -26.38
CA GLU A 30 -1.04 -0.14 -27.12
C GLU A 30 -2.18 -0.49 -26.16
N ARG A 31 -1.91 -1.40 -25.23
CA ARG A 31 -2.90 -1.83 -24.25
C ARG A 31 -2.25 -2.20 -22.91
N VAL A 32 -3.02 -2.12 -21.84
CA VAL A 32 -2.59 -2.66 -20.56
C VAL A 32 -2.92 -4.14 -20.54
N PHE A 33 -1.92 -4.98 -20.30
CA PHE A 33 -2.12 -6.43 -20.39
C PHE A 33 -2.44 -7.04 -19.03
N ILE A 34 -1.63 -6.71 -18.03
CA ILE A 34 -1.88 -7.13 -16.65
C ILE A 34 -1.73 -5.93 -15.72
N PRO A 35 -2.86 -5.43 -15.18
CA PRO A 35 -2.84 -4.28 -14.28
C PRO A 35 -1.96 -4.54 -13.06
N HIS A 36 -1.25 -3.51 -12.60
CA HIS A 36 -0.32 -3.64 -11.49
C HIS A 36 -0.98 -4.26 -10.26
N GLY A 37 -2.22 -3.85 -10.00
CA GLY A 37 -2.94 -4.31 -8.83
C GLY A 37 -3.28 -5.80 -8.89
N LEU A 38 -3.52 -6.29 -10.10
CA LEU A 38 -3.77 -7.72 -10.28
C LEU A 38 -2.49 -8.51 -9.98
N ILE A 39 -1.35 -7.95 -10.33
CA ILE A 39 -0.07 -8.56 -10.02
C ILE A 39 0.11 -8.70 -8.50
N MET A 40 -0.16 -7.62 -7.77
CA MET A 40 -0.01 -7.62 -6.32
C MET A 40 -0.88 -8.69 -5.66
N ASP A 41 -2.13 -8.78 -6.09
CA ASP A 41 -3.06 -9.78 -5.58
C ASP A 41 -2.52 -11.19 -5.81
N ARG A 42 -2.04 -11.45 -7.02
CA ARG A 42 -1.52 -12.77 -7.35
C ARG A 42 -0.25 -13.02 -6.55
N THR A 43 0.61 -12.01 -6.47
CA THR A 43 1.86 -12.11 -5.74
C THR A 43 1.63 -12.36 -4.24
N GLU A 44 0.58 -11.76 -3.69
CA GLU A 44 0.21 -12.02 -2.31
C GLU A 44 -0.10 -13.50 -2.08
N ARG A 45 -0.86 -14.11 -2.98
CA ARG A 45 -1.19 -15.53 -2.87
C ARG A 45 0.05 -16.39 -3.04
N LEU A 46 0.94 -15.99 -3.95
CA LEU A 46 2.17 -16.72 -4.18
C LEU A 46 3.04 -16.73 -2.92
N ALA A 47 3.05 -15.61 -2.19
CA ALA A 47 3.86 -15.50 -0.98
C ALA A 47 3.43 -16.54 0.05
N ARG A 48 2.12 -16.73 0.17
CA ARG A 48 1.58 -17.74 1.07
C ARG A 48 1.91 -19.14 0.56
N ASP A 49 1.91 -19.32 -0.76
CA ASP A 49 2.25 -20.61 -1.34
C ASP A 49 3.73 -20.95 -1.12
N VAL A 50 4.59 -19.95 -1.22
CA VAL A 50 6.02 -20.16 -1.00
C VAL A 50 6.33 -20.58 0.44
N MET A 51 5.72 -19.90 1.41
CA MET A 51 5.97 -20.22 2.82
C MET A 51 5.41 -21.57 3.26
N LYS A 52 4.30 -21.99 2.65
CA LYS A 52 3.75 -23.31 2.89
C LYS A 52 4.75 -24.41 2.52
N GLU A 53 5.62 -24.12 1.55
CA GLU A 53 6.50 -25.13 0.99
C GLU A 53 7.96 -24.96 1.39
N MET A 54 8.40 -23.72 1.60
CA MET A 54 9.81 -23.43 1.86
C MET A 54 10.07 -22.87 3.26
N GLY A 55 9.01 -22.68 4.04
CA GLY A 55 9.14 -22.06 5.34
C GLY A 55 9.73 -22.95 6.41
N GLY A 56 10.08 -24.17 6.03
CA GLY A 56 10.61 -25.15 6.97
C GLY A 56 12.07 -24.96 7.31
N HIS A 57 12.80 -24.25 6.44
CA HIS A 57 14.22 -24.02 6.66
C HIS A 57 14.64 -22.65 6.12
N HIS A 58 15.83 -22.19 6.52
CA HIS A 58 16.36 -20.90 6.11
C HIS A 58 16.36 -20.72 4.60
N ILE A 59 15.86 -19.58 4.15
CA ILE A 59 15.68 -19.32 2.74
C ILE A 59 16.73 -18.33 2.22
N VAL A 60 17.32 -18.65 1.08
CA VAL A 60 18.11 -17.68 0.34
C VAL A 60 17.31 -17.27 -0.90
N ALA A 61 16.82 -16.03 -0.91
CA ALA A 61 16.05 -15.54 -2.05
C ALA A 61 16.97 -14.98 -3.12
N LEU A 62 16.92 -15.59 -4.31
CA LEU A 62 17.84 -15.24 -5.38
C LEU A 62 17.13 -14.46 -6.48
N CYS A 63 17.47 -13.18 -6.60
CA CYS A 63 16.84 -12.29 -7.59
C CYS A 63 17.60 -12.26 -8.91
N VAL A 64 16.91 -12.57 -10.00
CA VAL A 64 17.51 -12.49 -11.32
C VAL A 64 17.29 -11.12 -11.97
N LEU A 65 18.29 -10.25 -11.85
CA LEU A 65 18.26 -8.90 -12.42
C LEU A 65 18.28 -8.96 -13.96
N LYS A 66 17.76 -7.92 -14.62
CA LYS A 66 17.11 -6.78 -13.99
C LYS A 66 15.60 -6.98 -13.86
N GLY A 67 15.02 -7.75 -14.78
CA GLY A 67 13.58 -7.89 -14.87
C GLY A 67 12.92 -8.48 -13.64
N GLY A 68 13.69 -9.20 -12.84
CA GLY A 68 13.16 -9.86 -11.66
C GLY A 68 13.01 -8.97 -10.43
N TYR A 69 13.62 -7.79 -10.47
CA TYR A 69 13.73 -6.96 -9.26
C TYR A 69 12.39 -6.52 -8.65
N LYS A 70 11.43 -6.15 -9.49
CA LYS A 70 10.13 -5.72 -8.98
C LYS A 70 9.34 -6.88 -8.36
N PHE A 71 9.30 -8.00 -9.06
CA PHE A 71 8.59 -9.18 -8.55
C PHE A 71 9.27 -9.72 -7.29
N PHE A 72 10.58 -9.57 -7.24
CA PHE A 72 11.38 -9.98 -6.09
C PHE A 72 11.04 -9.14 -4.86
N ALA A 73 10.93 -7.82 -5.04
CA ALA A 73 10.68 -6.92 -3.93
C ALA A 73 9.26 -7.10 -3.39
N ASP A 74 8.31 -7.20 -4.30
CA ASP A 74 6.90 -7.33 -3.91
C ASP A 74 6.60 -8.69 -3.29
N LEU A 75 7.16 -9.76 -3.85
CA LEU A 75 7.02 -11.09 -3.27
C LEU A 75 7.56 -11.12 -1.85
N LEU A 76 8.78 -10.60 -1.68
CA LEU A 76 9.41 -10.58 -0.37
C LEU A 76 8.64 -9.71 0.63
N ASP A 77 8.05 -8.62 0.14
CA ASP A 77 7.23 -7.75 0.99
C ASP A 77 5.99 -8.49 1.52
N TYR A 78 5.37 -9.29 0.65
CA TYR A 78 4.20 -10.07 1.07
C TYR A 78 4.59 -11.23 1.98
N ILE A 79 5.77 -11.80 1.74
CA ILE A 79 6.29 -12.85 2.62
C ILE A 79 6.60 -12.26 4.00
N LYS A 80 7.17 -11.06 4.01
CA LYS A 80 7.48 -10.39 5.27
C LYS A 80 6.21 -10.02 6.04
N ALA A 81 5.15 -9.67 5.30
CA ALA A 81 3.87 -9.36 5.92
C ALA A 81 3.33 -10.55 6.69
N LEU A 82 3.56 -11.75 6.16
CA LEU A 82 3.15 -12.98 6.82
C LEU A 82 4.01 -13.26 8.04
N ASN A 83 5.31 -13.05 7.90
CA ASN A 83 6.26 -13.41 8.93
C ASN A 83 6.22 -12.53 10.18
N ARG A 84 5.66 -11.33 10.05
CA ARG A 84 5.50 -10.45 11.21
C ARG A 84 4.07 -10.44 11.74
N ASN A 85 3.27 -11.40 11.29
CA ASN A 85 1.90 -11.51 11.76
C ASN A 85 1.50 -12.95 12.08
N SER A 86 2.47 -13.86 12.01
CA SER A 86 2.23 -15.26 12.30
C SER A 86 3.24 -15.81 13.30
N ASP A 87 2.94 -16.99 13.85
CA ASP A 87 3.86 -17.66 14.76
C ASP A 87 4.86 -18.51 13.99
N ARG A 88 4.58 -18.74 12.72
CA ARG A 88 5.46 -19.53 11.86
C ARG A 88 6.21 -18.67 10.86
N SER A 89 7.46 -18.38 11.16
CA SER A 89 8.31 -17.61 10.24
C SER A 89 9.72 -18.20 10.20
N ILE A 90 10.43 -17.89 9.13
CA ILE A 90 11.79 -18.37 8.94
C ILE A 90 12.68 -17.23 8.45
N PRO A 91 13.93 -17.17 8.97
CA PRO A 91 14.89 -16.17 8.49
C PRO A 91 15.11 -16.24 6.98
N MET A 92 15.47 -15.10 6.40
CA MET A 92 15.78 -15.04 4.98
C MET A 92 16.97 -14.13 4.69
N THR A 93 17.84 -14.57 3.80
CA THR A 93 18.90 -13.73 3.28
C THR A 93 18.64 -13.50 1.79
N VAL A 94 19.15 -12.40 1.24
CA VAL A 94 18.91 -12.11 -0.17
C VAL A 94 20.21 -11.96 -0.96
N ASP A 95 20.13 -12.28 -2.25
CA ASP A 95 21.25 -12.11 -3.15
C ASP A 95 20.75 -11.80 -4.56
N PHE A 96 21.60 -11.16 -5.36
CA PHE A 96 21.20 -10.71 -6.70
C PHE A 96 22.17 -11.21 -7.76
N ILE A 97 21.62 -11.71 -8.86
CA ILE A 97 22.43 -12.21 -9.97
C ILE A 97 21.99 -11.64 -11.31
N ARG A 98 22.91 -11.60 -12.27
CA ARG A 98 22.60 -11.20 -13.62
C ARG A 98 23.11 -12.27 -14.57
N LEU A 99 22.26 -12.69 -15.51
CA LEU A 99 22.61 -13.77 -16.42
C LEU A 99 23.00 -13.26 -17.79
N LYS A 100 24.27 -13.43 -18.15
CA LYS A 100 24.78 -12.99 -19.44
C LYS A 100 25.05 -14.19 -20.36
N SER A 101 24.50 -14.13 -21.57
CA SER A 101 24.71 -15.18 -22.56
C SER A 101 26.05 -15.01 -23.27
N TYR A 102 27.09 -15.60 -22.69
CA TYR A 102 28.43 -15.52 -23.26
C TYR A 102 29.07 -16.90 -23.38
N ILE A 111 23.79 -17.97 -19.43
CA ILE A 111 24.87 -18.96 -19.51
C ILE A 111 25.86 -18.78 -18.37
N LYS A 112 26.28 -17.54 -18.13
CA LYS A 112 27.22 -17.24 -17.06
C LYS A 112 26.64 -16.26 -16.04
N VAL A 113 26.71 -16.63 -14.77
CA VAL A 113 26.25 -15.76 -13.70
C VAL A 113 27.27 -14.65 -13.45
N ILE A 114 26.85 -13.56 -12.82
CA ILE A 114 27.74 -12.43 -12.61
C ILE A 114 27.39 -11.59 -11.38
N GLY A 115 28.43 -11.18 -10.66
CA GLY A 115 28.32 -10.19 -9.57
C GLY A 115 27.50 -10.63 -8.36
N GLY A 116 27.50 -11.92 -8.06
CA GLY A 116 26.77 -12.43 -6.89
C GLY A 116 27.69 -12.68 -5.71
N ASP A 117 27.16 -13.33 -4.68
CA ASP A 117 27.99 -13.86 -3.61
C ASP A 117 28.52 -15.20 -4.07
N ASP A 118 29.48 -15.75 -3.33
CA ASP A 118 29.97 -17.09 -3.62
C ASP A 118 28.82 -18.07 -3.51
N LEU A 119 28.64 -18.90 -4.54
CA LEU A 119 27.51 -19.83 -4.59
C LEU A 119 27.59 -20.91 -3.50
N SER A 120 28.69 -20.95 -2.77
CA SER A 120 28.83 -21.84 -1.63
C SER A 120 27.87 -21.42 -0.51
N THR A 121 27.37 -20.19 -0.59
CA THR A 121 26.38 -19.69 0.35
C THR A 121 25.02 -20.34 0.09
N LEU A 122 24.92 -21.11 -0.99
CA LEU A 122 23.69 -21.81 -1.32
C LEU A 122 23.69 -23.24 -0.77
N THR A 123 24.89 -23.74 -0.46
CA THR A 123 25.05 -25.11 0.02
C THR A 123 24.31 -25.36 1.34
N GLY A 124 23.43 -26.35 1.33
CA GLY A 124 22.65 -26.69 2.51
C GLY A 124 21.54 -25.69 2.80
N LYS A 125 21.27 -24.81 1.84
CA LYS A 125 20.26 -23.77 2.02
C LYS A 125 19.04 -24.04 1.13
N ASN A 126 17.89 -23.51 1.53
CA ASN A 126 16.71 -23.54 0.69
C ASN A 126 16.70 -22.32 -0.23
N VAL A 127 16.92 -22.56 -1.52
CA VAL A 127 17.07 -21.46 -2.48
C VAL A 127 15.78 -21.15 -3.22
N LEU A 128 15.32 -19.91 -3.12
CA LEU A 128 14.20 -19.43 -3.92
C LEU A 128 14.73 -18.54 -5.04
N ILE A 129 14.62 -19.03 -6.28
CA ILE A 129 15.03 -18.24 -7.43
C ILE A 129 13.83 -17.49 -8.00
N VAL A 130 13.99 -16.18 -8.18
CA VAL A 130 12.89 -15.32 -8.60
C VAL A 130 13.14 -14.70 -9.96
N GLU A 131 12.28 -15.03 -10.93
CA GLU A 131 12.40 -14.51 -12.29
C GLU A 131 11.21 -13.67 -12.70
N ASP A 132 11.38 -12.90 -13.77
CA ASP A 132 10.29 -12.13 -14.36
C ASP A 132 9.49 -12.97 -15.33
N ILE A 133 10.18 -13.74 -16.18
CA ILE A 133 9.51 -14.49 -17.23
C ILE A 133 10.27 -15.75 -17.65
N ILE A 134 9.54 -16.82 -17.92
CA ILE A 134 10.11 -18.02 -18.51
C ILE A 134 9.48 -18.25 -19.89
N ASP A 135 10.33 -18.33 -20.91
CA ASP A 135 9.85 -18.55 -22.27
C ASP A 135 10.11 -19.99 -22.69
N THR A 136 11.28 -20.24 -23.26
CA THR A 136 11.64 -21.60 -23.66
C THR A 136 11.94 -22.44 -22.42
N GLY A 137 12.48 -21.80 -21.40
CA GLY A 137 12.86 -22.49 -20.17
C GLY A 137 14.32 -22.88 -20.17
N LYS A 138 15.01 -22.58 -21.25
CA LYS A 138 16.42 -22.93 -21.38
C LYS A 138 17.30 -22.19 -20.37
N THR A 139 17.04 -20.89 -20.21
CA THR A 139 17.81 -20.06 -19.28
C THR A 139 17.74 -20.58 -17.85
N MET A 140 16.54 -20.94 -17.41
CA MET A 140 16.36 -21.42 -16.05
C MET A 140 17.00 -22.79 -15.85
N GLN A 141 16.82 -23.67 -16.83
CA GLN A 141 17.42 -24.99 -16.78
C GLN A 141 18.94 -24.85 -16.62
N THR A 142 19.51 -23.88 -17.34
CA THR A 142 20.95 -23.61 -17.28
C THR A 142 21.35 -23.13 -15.89
N LEU A 143 20.61 -22.14 -15.38
CA LEU A 143 20.88 -21.59 -14.07
C LEU A 143 20.78 -22.66 -12.98
N LEU A 144 19.72 -23.47 -13.05
CA LEU A 144 19.55 -24.57 -12.10
C LEU A 144 20.71 -25.56 -12.18
N SER A 145 21.17 -25.85 -13.40
CA SER A 145 22.28 -26.80 -13.56
C SER A 145 23.53 -26.29 -12.86
N LEU A 146 23.73 -24.97 -12.90
CA LEU A 146 24.85 -24.35 -12.20
C LEU A 146 24.64 -24.34 -10.69
N VAL A 147 23.43 -24.01 -10.26
CA VAL A 147 23.11 -23.92 -8.83
C VAL A 147 23.22 -25.28 -8.14
N ARG A 148 22.72 -26.32 -8.80
CA ARG A 148 22.72 -27.65 -8.20
C ARG A 148 24.12 -28.25 -8.09
N GLN A 149 25.12 -27.59 -8.69
CA GLN A 149 26.50 -28.01 -8.56
C GLN A 149 27.02 -27.72 -7.16
N TYR A 150 26.29 -26.88 -6.42
CA TYR A 150 26.69 -26.47 -5.09
C TYR A 150 25.86 -27.15 -4.00
N ASN A 151 25.03 -28.11 -4.42
CA ASN A 151 24.23 -28.93 -3.52
C ASN A 151 23.43 -28.16 -2.48
N PRO A 152 22.36 -27.47 -2.92
CA PRO A 152 21.49 -26.79 -1.97
C PRO A 152 20.57 -27.79 -1.29
N LYS A 153 20.05 -27.44 -0.12
CA LYS A 153 19.08 -28.30 0.56
C LYS A 153 17.83 -28.43 -0.30
N MET A 154 17.47 -27.32 -0.94
CA MET A 154 16.27 -27.24 -1.76
C MET A 154 16.41 -26.06 -2.69
N VAL A 155 15.95 -26.21 -3.92
CA VAL A 155 15.93 -25.10 -4.87
C VAL A 155 14.59 -25.01 -5.58
N LYS A 156 13.93 -23.88 -5.43
CA LYS A 156 12.62 -23.65 -6.04
C LYS A 156 12.68 -22.40 -6.90
N VAL A 157 11.79 -22.32 -7.88
CA VAL A 157 11.77 -21.20 -8.80
C VAL A 157 10.40 -20.53 -8.86
N ALA A 158 10.38 -19.24 -8.59
CA ALA A 158 9.15 -18.45 -8.75
C ALA A 158 9.28 -17.51 -9.94
N SER A 159 8.33 -17.60 -10.87
CA SER A 159 8.36 -16.75 -12.05
C SER A 159 7.03 -16.03 -12.21
N LEU A 160 7.09 -14.72 -12.41
CA LEU A 160 5.89 -13.92 -12.56
C LEU A 160 5.13 -14.32 -13.81
N LEU A 161 5.86 -14.59 -14.88
CA LEU A 161 5.26 -14.90 -16.16
C LEU A 161 5.77 -16.22 -16.75
N VAL A 162 4.85 -17.02 -17.26
CA VAL A 162 5.20 -18.21 -18.03
C VAL A 162 4.43 -18.18 -19.35
N LYS A 163 5.17 -18.21 -20.46
CA LYS A 163 4.54 -18.15 -21.77
C LYS A 163 4.02 -19.51 -22.23
N ARG A 164 2.87 -19.51 -22.89
CA ARG A 164 2.40 -20.69 -23.60
C ARG A 164 3.02 -20.72 -24.99
N THR A 165 4.03 -21.54 -25.16
CA THR A 165 4.72 -21.62 -26.43
C THR A 165 5.17 -23.05 -26.74
N PRO A 166 5.11 -23.44 -28.03
CA PRO A 166 5.61 -24.75 -28.46
C PRO A 166 7.13 -24.80 -28.39
N ARG A 167 7.77 -23.64 -28.26
CA ARG A 167 9.23 -23.57 -28.19
C ARG A 167 9.75 -23.95 -26.82
N SER A 168 8.85 -24.17 -25.87
CA SER A 168 9.23 -24.56 -24.51
C SER A 168 9.92 -25.92 -24.50
N VAL A 169 11.01 -26.01 -23.74
CA VAL A 169 11.78 -27.24 -23.64
C VAL A 169 11.13 -28.19 -22.63
N GLY A 170 10.10 -27.71 -21.94
CA GLY A 170 9.32 -28.55 -21.05
C GLY A 170 9.47 -28.20 -19.59
N TYR A 171 10.37 -27.27 -19.28
CA TYR A 171 10.58 -26.88 -17.89
C TYR A 171 9.43 -26.05 -17.34
N LYS A 172 8.98 -26.43 -16.15
CA LYS A 172 7.91 -25.72 -15.44
C LYS A 172 8.41 -25.26 -14.08
N PRO A 173 8.25 -23.97 -13.77
CA PRO A 173 8.68 -23.44 -12.48
C PRO A 173 7.75 -23.90 -11.36
N ASP A 174 8.17 -23.72 -10.12
CA ASP A 174 7.40 -24.18 -8.96
C ASP A 174 6.27 -23.21 -8.65
N PHE A 175 6.53 -21.92 -8.84
CA PHE A 175 5.53 -20.90 -8.57
C PHE A 175 5.32 -20.02 -9.80
N VAL A 176 4.07 -19.90 -10.22
CA VAL A 176 3.72 -19.13 -11.41
C VAL A 176 2.68 -18.06 -11.11
N GLY A 177 2.98 -16.82 -11.48
CA GLY A 177 2.01 -15.75 -11.37
C GLY A 177 0.93 -15.85 -12.44
N PHE A 178 1.33 -15.60 -13.69
CA PHE A 178 0.39 -15.60 -14.81
C PHE A 178 0.90 -16.46 -15.96
N GLU A 179 0.00 -17.22 -16.57
CA GLU A 179 0.33 -17.96 -17.79
C GLU A 179 -0.18 -17.17 -18.99
N ILE A 180 0.75 -16.59 -19.74
CA ILE A 180 0.41 -15.63 -20.78
C ILE A 180 0.63 -16.19 -22.19
N PRO A 181 -0.01 -15.57 -23.20
CA PRO A 181 0.20 -15.97 -24.60
C PRO A 181 1.64 -15.76 -25.06
N ASP A 182 1.99 -16.37 -26.18
CA ASP A 182 3.32 -16.21 -26.77
C ASP A 182 3.44 -14.83 -27.43
N LYS A 183 3.44 -13.80 -26.61
CA LYS A 183 3.46 -12.41 -27.09
C LYS A 183 4.45 -11.58 -26.29
N PHE A 184 5.11 -10.64 -26.95
CA PHE A 184 6.06 -9.75 -26.29
C PHE A 184 5.36 -8.75 -25.37
N VAL A 185 5.79 -8.67 -24.12
CA VAL A 185 5.23 -7.74 -23.15
C VAL A 185 6.32 -6.95 -22.41
N VAL A 186 5.93 -5.82 -21.82
CA VAL A 186 6.86 -4.98 -21.07
C VAL A 186 6.24 -4.53 -19.75
N GLY A 187 6.99 -3.72 -19.00
CA GLY A 187 6.51 -3.20 -17.74
C GLY A 187 6.77 -4.12 -16.57
N TYR A 188 6.58 -3.59 -15.36
CA TYR A 188 6.87 -4.30 -14.12
C TYR A 188 8.27 -4.90 -14.16
N ALA A 189 9.24 -4.03 -14.50
CA ALA A 189 10.66 -4.36 -14.61
C ALA A 189 11.06 -5.12 -15.89
N LEU A 190 10.09 -5.60 -16.65
CA LEU A 190 10.40 -6.18 -17.96
C LEU A 190 10.64 -5.05 -18.96
N ASP A 191 11.60 -5.24 -19.86
CA ASP A 191 12.08 -4.13 -20.68
C ASP A 191 11.99 -4.37 -22.18
N TYR A 192 12.09 -3.26 -22.91
CA TYR A 192 12.34 -3.29 -24.33
C TYR A 192 13.53 -2.36 -24.54
N ASN A 193 14.71 -2.95 -24.71
CA ASN A 193 15.95 -2.19 -24.81
C ASN A 193 16.13 -1.23 -23.63
N GLU A 194 15.97 -1.78 -22.42
CA GLU A 194 16.13 -1.05 -21.15
C GLU A 194 15.01 -0.07 -20.85
N TYR A 195 14.10 0.13 -21.78
CA TYR A 195 12.95 1.00 -21.55
C TYR A 195 11.76 0.23 -20.99
N PHE A 196 10.80 0.99 -20.45
CA PHE A 196 9.57 0.44 -19.85
C PHE A 196 9.77 -0.28 -18.51
N ARG A 197 11.00 -0.28 -17.99
CA ARG A 197 11.22 -0.85 -16.65
C ARG A 197 10.59 0.06 -15.61
N ASP A 198 10.49 1.34 -15.94
CA ASP A 198 9.84 2.35 -15.10
C ASP A 198 8.33 2.34 -15.32
N LEU A 199 7.81 1.21 -15.79
CA LEU A 199 6.38 1.04 -15.98
C LEU A 199 5.85 0.07 -14.93
N ASN A 200 4.76 0.48 -14.30
CA ASN A 200 4.19 -0.29 -13.21
CA ASN A 200 4.14 -0.24 -13.20
C ASN A 200 3.23 -1.39 -13.65
N HIS A 201 2.58 -1.21 -14.80
CA HIS A 201 1.70 -2.24 -15.34
C HIS A 201 2.49 -3.15 -16.29
N VAL A 202 1.98 -4.36 -16.50
CA VAL A 202 2.50 -5.20 -17.58
C VAL A 202 1.69 -4.85 -18.83
N CYS A 203 2.38 -4.50 -19.90
CA CYS A 203 1.70 -3.99 -21.09
C CYS A 203 2.28 -4.50 -22.40
N VAL A 204 1.52 -4.28 -23.47
CA VAL A 204 1.95 -4.57 -24.82
C VAL A 204 2.39 -3.28 -25.49
N ILE A 205 3.54 -3.31 -26.16
CA ILE A 205 4.09 -2.13 -26.80
C ILE A 205 3.40 -1.84 -28.13
N SER A 206 3.29 -0.56 -28.47
CA SER A 206 2.69 -0.17 -29.75
C SER A 206 3.78 -0.06 -30.81
N GLU A 207 3.36 0.09 -32.07
CA GLU A 207 4.30 0.21 -33.17
C GLU A 207 5.14 1.48 -33.03
N THR A 208 4.51 2.55 -32.53
CA THR A 208 5.20 3.80 -32.25
C THR A 208 6.32 3.61 -31.23
N GLY A 209 6.02 2.85 -30.18
CA GLY A 209 6.97 2.62 -29.11
C GLY A 209 8.19 1.81 -29.53
N LYS A 210 7.97 0.71 -30.23
CA LYS A 210 9.06 -0.17 -30.63
C LYS A 210 9.96 0.48 -31.68
N ALA A 211 9.42 1.45 -32.40
CA ALA A 211 10.19 2.18 -33.39
C ALA A 211 11.09 3.21 -32.71
N LYS A 212 10.56 3.86 -31.67
CA LYS A 212 11.30 4.91 -30.97
C LYS A 212 12.42 4.37 -30.07
N TYR A 213 12.18 3.24 -29.44
CA TYR A 213 13.17 2.66 -28.53
C TYR A 213 13.91 1.47 -29.13
N LYS A 214 14.00 1.43 -30.45
CA LYS A 214 14.67 0.34 -31.16
C LYS A 214 16.16 0.28 -30.84
N SER B 2 -17.10 7.67 -21.14
CA SER B 2 -16.59 6.32 -20.91
C SER B 2 -17.47 5.54 -19.95
N PRO B 3 -17.82 4.30 -20.32
CA PRO B 3 -18.62 3.43 -19.45
C PRO B 3 -17.77 2.73 -18.39
N GLY B 4 -16.47 3.02 -18.40
CA GLY B 4 -15.55 2.41 -17.46
C GLY B 4 -15.08 1.04 -17.94
N VAL B 5 -14.42 0.30 -17.08
CA VAL B 5 -13.91 -1.02 -17.45
C VAL B 5 -15.07 -1.99 -17.71
N VAL B 6 -15.19 -2.43 -18.96
CA VAL B 6 -16.31 -3.28 -19.35
C VAL B 6 -16.01 -4.76 -19.12
N ILE B 7 -16.69 -5.34 -18.15
CA ILE B 7 -16.61 -6.77 -17.91
C ILE B 7 -17.79 -7.46 -18.60
N SER B 8 -17.50 -8.22 -19.65
CA SER B 8 -18.52 -8.82 -20.48
C SER B 8 -19.26 -9.95 -19.80
N ASP B 9 -20.41 -10.33 -20.36
CA ASP B 9 -21.25 -11.39 -19.81
C ASP B 9 -20.58 -12.75 -19.80
N ASP B 10 -19.66 -12.97 -20.73
CA ASP B 10 -18.99 -14.26 -20.84
C ASP B 10 -17.68 -14.30 -20.03
N GLU B 11 -17.64 -13.49 -18.98
CA GLU B 11 -16.50 -13.47 -18.07
C GLU B 11 -16.65 -14.58 -17.03
N PRO B 12 -15.68 -15.51 -17.01
CA PRO B 12 -15.71 -16.62 -16.05
C PRO B 12 -15.23 -16.19 -14.66
N GLY B 13 -14.58 -15.03 -14.59
CA GLY B 13 -13.98 -14.58 -13.36
C GLY B 13 -12.68 -15.34 -13.09
N TYR B 14 -12.29 -15.41 -11.83
CA TYR B 14 -11.06 -16.11 -11.46
C TYR B 14 -11.33 -17.20 -10.43
N ASP B 15 -10.61 -18.31 -10.55
CA ASP B 15 -10.69 -19.38 -9.57
C ASP B 15 -10.25 -18.86 -8.20
N LEU B 16 -11.01 -19.21 -7.17
CA LEU B 16 -10.77 -18.74 -5.81
C LEU B 16 -9.35 -19.07 -5.32
N ASP B 17 -8.86 -20.24 -5.70
CA ASP B 17 -7.58 -20.75 -5.23
C ASP B 17 -6.39 -19.95 -5.78
N LEU B 18 -6.67 -19.01 -6.67
CA LEU B 18 -5.60 -18.23 -7.30
C LEU B 18 -5.27 -16.97 -6.51
N PHE B 19 -6.11 -16.65 -5.52
CA PHE B 19 -5.92 -15.45 -4.73
C PHE B 19 -5.97 -15.70 -3.22
N CYS B 20 -5.61 -14.67 -2.45
CA CYS B 20 -5.79 -14.71 -1.01
C CYS B 20 -7.24 -14.36 -0.67
N ILE B 21 -7.98 -15.34 -0.15
CA ILE B 21 -9.40 -15.18 0.15
C ILE B 21 -9.66 -15.38 1.64
N PRO B 22 -10.59 -14.60 2.22
CA PRO B 22 -10.98 -14.76 3.62
C PRO B 22 -11.35 -16.20 3.93
N ASN B 23 -10.72 -16.77 4.94
CA ASN B 23 -10.89 -18.18 5.28
C ASN B 23 -12.35 -18.57 5.57
N HIS B 24 -13.05 -17.70 6.28
CA HIS B 24 -14.43 -17.96 6.69
C HIS B 24 -15.44 -17.87 5.53
N TYR B 25 -14.97 -17.43 4.37
CA TYR B 25 -15.81 -17.33 3.19
C TYR B 25 -15.37 -18.30 2.11
N ALA B 26 -14.50 -19.23 2.48
CA ALA B 26 -13.86 -20.14 1.52
C ALA B 26 -14.84 -20.97 0.69
N GLU B 27 -15.86 -21.54 1.35
CA GLU B 27 -16.84 -22.36 0.65
C GLU B 27 -18.10 -21.57 0.31
N ASP B 28 -18.06 -20.26 0.52
CA ASP B 28 -19.23 -19.41 0.34
C ASP B 28 -19.21 -18.66 -0.99
N LEU B 29 -18.02 -18.46 -1.56
CA LEU B 29 -17.88 -17.73 -2.81
C LEU B 29 -17.74 -18.67 -4.01
N GLU B 30 -18.18 -18.21 -5.18
CA GLU B 30 -18.08 -18.98 -6.41
C GLU B 30 -16.79 -18.66 -7.15
N ARG B 31 -16.68 -17.40 -7.57
CA ARG B 31 -15.51 -16.92 -8.29
C ARG B 31 -15.16 -15.52 -7.79
N VAL B 32 -13.90 -15.13 -7.97
CA VAL B 32 -13.51 -13.73 -7.79
C VAL B 32 -13.81 -13.01 -9.10
N PHE B 33 -14.60 -11.96 -9.03
CA PHE B 33 -15.08 -11.28 -10.23
C PHE B 33 -14.23 -10.05 -10.56
N ILE B 34 -13.88 -9.27 -9.55
CA ILE B 34 -12.97 -8.15 -9.71
C ILE B 34 -11.94 -8.17 -8.59
N PRO B 35 -10.69 -8.49 -8.92
CA PRO B 35 -9.61 -8.50 -7.93
C PRO B 35 -9.40 -7.11 -7.30
N HIS B 36 -9.15 -7.09 -5.99
CA HIS B 36 -9.00 -5.84 -5.23
C HIS B 36 -8.00 -4.88 -5.87
N GLY B 37 -6.89 -5.42 -6.35
CA GLY B 37 -5.84 -4.61 -6.95
C GLY B 37 -6.28 -3.89 -8.20
N LEU B 38 -7.15 -4.54 -8.98
CA LEU B 38 -7.70 -3.92 -10.18
C LEU B 38 -8.62 -2.75 -9.82
N ILE B 39 -9.36 -2.91 -8.72
CA ILE B 39 -10.22 -1.83 -8.23
C ILE B 39 -9.37 -0.62 -7.89
N MET B 40 -8.23 -0.86 -7.25
N MET B 40 -8.23 -0.87 -7.24
CA MET B 40 -7.33 0.22 -6.85
CA MET B 40 -7.32 0.20 -6.86
C MET B 40 -6.77 0.97 -8.05
C MET B 40 -6.81 0.96 -8.07
N ASP B 41 -6.33 0.24 -9.07
CA ASP B 41 -5.80 0.85 -10.29
C ASP B 41 -6.84 1.69 -11.00
N ARG B 42 -8.07 1.18 -11.05
CA ARG B 42 -9.18 1.88 -11.69
C ARG B 42 -9.55 3.13 -10.90
N THR B 43 -9.58 3.00 -9.58
CA THR B 43 -9.92 4.11 -8.69
C THR B 43 -8.87 5.21 -8.74
N GLU B 44 -7.60 4.82 -8.88
CA GLU B 44 -6.51 5.77 -9.01
C GLU B 44 -6.73 6.70 -10.20
N ARG B 45 -7.11 6.12 -11.34
CA ARG B 45 -7.39 6.90 -12.52
C ARG B 45 -8.62 7.78 -12.32
N LEU B 46 -9.63 7.23 -11.64
CA LEU B 46 -10.86 7.99 -11.37
C LEU B 46 -10.60 9.20 -10.50
N ALA B 47 -9.65 9.08 -9.58
CA ALA B 47 -9.30 10.19 -8.69
C ALA B 47 -8.74 11.36 -9.49
N ARG B 48 -7.99 11.04 -10.54
CA ARG B 48 -7.40 12.07 -11.37
C ARG B 48 -8.46 12.73 -12.25
N ASP B 49 -9.45 11.95 -12.66
CA ASP B 49 -10.55 12.47 -13.46
C ASP B 49 -11.49 13.32 -12.61
N VAL B 50 -11.70 12.89 -11.37
CA VAL B 50 -12.53 13.65 -10.43
C VAL B 50 -11.95 15.04 -10.17
N MET B 51 -10.65 15.10 -9.88
CA MET B 51 -9.99 16.37 -9.61
C MET B 51 -9.96 17.26 -10.84
N LYS B 52 -9.82 16.64 -12.00
CA LYS B 52 -9.77 17.35 -13.27
C LYS B 52 -11.14 17.95 -13.61
N GLU B 53 -12.19 17.31 -13.11
CA GLU B 53 -13.55 17.76 -13.38
C GLU B 53 -14.09 18.63 -12.26
N MET B 54 -13.92 18.17 -11.01
CA MET B 54 -14.52 18.83 -9.87
C MET B 54 -13.58 19.79 -9.16
N GLY B 55 -12.54 20.22 -9.86
CA GLY B 55 -11.68 21.27 -9.37
C GLY B 55 -12.15 22.61 -9.92
N GLY B 56 -11.76 23.70 -9.26
CA GLY B 56 -10.94 23.63 -8.07
C GLY B 56 -11.64 24.25 -6.87
N HIS B 57 -12.96 24.22 -6.90
CA HIS B 57 -13.76 24.74 -5.79
C HIS B 57 -13.90 23.69 -4.69
N HIS B 58 -14.23 24.14 -3.49
CA HIS B 58 -14.41 23.29 -2.32
C HIS B 58 -15.34 22.12 -2.61
N ILE B 59 -14.83 20.91 -2.45
CA ILE B 59 -15.61 19.70 -2.69
C ILE B 59 -16.21 19.16 -1.40
N VAL B 60 -17.51 18.84 -1.45
CA VAL B 60 -18.14 18.08 -0.39
C VAL B 60 -18.31 16.64 -0.86
N ALA B 61 -17.61 15.72 -0.22
CA ALA B 61 -17.69 14.32 -0.60
C ALA B 61 -18.74 13.59 0.23
N LEU B 62 -19.74 13.04 -0.46
CA LEU B 62 -20.83 12.33 0.20
C LEU B 62 -20.67 10.83 0.01
N CYS B 63 -20.59 10.11 1.12
CA CYS B 63 -20.48 8.66 1.08
C CYS B 63 -21.83 8.01 1.38
N VAL B 64 -22.31 7.19 0.46
CA VAL B 64 -23.57 6.50 0.66
C VAL B 64 -23.34 5.18 1.36
N LEU B 65 -23.52 5.19 2.68
CA LEU B 65 -23.32 4.01 3.52
C LEU B 65 -24.38 2.95 3.20
N LYS B 66 -24.06 1.68 3.40
CA LYS B 66 -22.76 1.24 3.89
C LYS B 66 -21.82 0.84 2.76
N GLY B 67 -22.41 0.35 1.67
CA GLY B 67 -21.65 -0.23 0.57
C GLY B 67 -20.63 0.67 -0.08
N GLY B 68 -20.78 1.98 0.08
CA GLY B 68 -19.88 2.93 -0.54
C GLY B 68 -18.61 3.22 0.24
N TYR B 69 -18.53 2.76 1.48
CA TYR B 69 -17.47 3.18 2.40
C TYR B 69 -16.04 2.85 1.93
N LYS B 70 -15.84 1.68 1.34
CA LYS B 70 -14.52 1.30 0.83
C LYS B 70 -14.10 2.13 -0.39
N PHE B 71 -14.96 2.20 -1.39
CA PHE B 71 -14.68 2.96 -2.60
C PHE B 71 -14.44 4.43 -2.26
N PHE B 72 -15.24 4.94 -1.33
CA PHE B 72 -15.11 6.31 -0.83
C PHE B 72 -13.73 6.55 -0.22
N ALA B 73 -13.34 5.71 0.72
CA ALA B 73 -12.08 5.88 1.43
C ALA B 73 -10.88 5.78 0.50
N ASP B 74 -10.91 4.79 -0.39
CA ASP B 74 -9.80 4.61 -1.31
C ASP B 74 -9.74 5.71 -2.36
N LEU B 75 -10.89 6.12 -2.87
CA LEU B 75 -10.96 7.23 -3.83
C LEU B 75 -10.38 8.51 -3.24
N LEU B 76 -10.74 8.79 -2.00
CA LEU B 76 -10.25 9.98 -1.33
C LEU B 76 -8.76 9.89 -1.05
N ASP B 77 -8.28 8.67 -0.76
CA ASP B 77 -6.85 8.45 -0.54
C ASP B 77 -6.06 8.75 -1.81
N TYR B 78 -6.60 8.32 -2.95
CA TYR B 78 -5.95 8.59 -4.22
C TYR B 78 -6.01 10.08 -4.56
N ILE B 79 -7.10 10.73 -4.18
CA ILE B 79 -7.22 12.18 -4.37
C ILE B 79 -6.24 12.90 -3.45
N LYS B 80 -6.07 12.37 -2.24
CA LYS B 80 -5.09 12.90 -1.30
C LYS B 80 -3.67 12.81 -1.87
N ALA B 81 -3.37 11.70 -2.54
CA ALA B 81 -2.05 11.51 -3.12
C ALA B 81 -1.73 12.58 -4.17
N LEU B 82 -2.74 13.00 -4.90
CA LEU B 82 -2.58 14.02 -5.93
C LEU B 82 -2.40 15.41 -5.31
N ASN B 83 -3.15 15.69 -4.25
CA ASN B 83 -3.15 17.01 -3.64
C ASN B 83 -1.89 17.33 -2.82
N ARG B 84 -1.18 16.30 -2.40
CA ARG B 84 0.03 16.51 -1.60
C ARG B 84 1.30 16.29 -2.43
N ASN B 85 1.13 16.09 -3.73
CA ASN B 85 2.27 15.82 -4.61
C ASN B 85 2.24 16.65 -5.89
N SER B 86 1.38 17.66 -5.91
CA SER B 86 1.27 18.52 -7.07
C SER B 86 0.59 19.83 -6.71
N ASP B 87 0.79 20.85 -7.53
CA ASP B 87 0.11 22.12 -7.36
C ASP B 87 -1.34 21.95 -7.78
N ARG B 88 -2.13 23.02 -7.60
CA ARG B 88 -3.54 23.00 -7.94
C ARG B 88 -4.32 21.92 -7.20
N SER B 89 -4.84 22.27 -6.03
CA SER B 89 -5.72 21.39 -5.28
C SER B 89 -6.82 22.20 -4.60
N ILE B 90 -7.77 21.51 -3.96
CA ILE B 90 -8.85 22.18 -3.26
C ILE B 90 -9.14 21.45 -1.95
N PRO B 91 -9.50 22.22 -0.91
CA PRO B 91 -9.88 21.61 0.37
C PRO B 91 -11.15 20.77 0.21
N MET B 92 -11.21 19.65 0.92
CA MET B 92 -12.38 18.78 0.84
C MET B 92 -12.98 18.50 2.21
N THR B 93 -14.30 18.63 2.31
CA THR B 93 -15.01 18.19 3.50
C THR B 93 -15.79 16.92 3.18
N VAL B 94 -16.07 16.12 4.20
CA VAL B 94 -16.76 14.84 3.98
C VAL B 94 -18.03 14.71 4.80
N ASP B 95 -18.94 13.88 4.31
CA ASP B 95 -20.17 13.58 5.02
C ASP B 95 -20.65 12.20 4.60
N PHE B 96 -21.41 11.56 5.47
CA PHE B 96 -21.83 10.19 5.25
C PHE B 96 -23.34 10.08 5.42
N ILE B 97 -24.00 9.51 4.41
CA ILE B 97 -25.46 9.39 4.45
C ILE B 97 -25.94 7.96 4.21
N ARG B 98 -27.16 7.68 4.67
CA ARG B 98 -27.83 6.44 4.32
C ARG B 98 -29.13 6.77 3.60
N LEU B 99 -29.50 5.93 2.65
CA LEU B 99 -30.74 6.12 1.90
C LEU B 99 -31.74 5.07 2.34
N LYS B 100 -32.93 5.54 2.74
CA LYS B 100 -33.95 4.64 3.29
C LYS B 100 -35.14 4.48 2.35
N SER B 101 -35.75 3.29 2.38
CA SER B 101 -36.95 3.02 1.60
C SER B 101 -38.15 2.83 2.54
N TYR B 102 -38.66 1.60 2.59
CA TYR B 102 -39.81 1.28 3.44
C TYR B 102 -39.86 -0.21 3.76
N ILE B 111 -34.93 8.38 -1.58
CA ILE B 111 -36.28 8.61 -1.09
C ILE B 111 -36.26 9.31 0.27
N LYS B 112 -35.59 8.70 1.24
CA LYS B 112 -35.44 9.30 2.56
C LYS B 112 -33.99 9.30 3.00
N VAL B 113 -33.40 10.49 3.09
CA VAL B 113 -32.01 10.62 3.52
C VAL B 113 -31.90 10.64 5.03
N ILE B 114 -31.28 9.60 5.59
CA ILE B 114 -31.04 9.52 7.03
C ILE B 114 -29.55 9.66 7.32
N GLY B 115 -29.23 10.37 8.40
CA GLY B 115 -27.85 10.67 8.72
C GLY B 115 -27.34 11.87 7.95
N GLY B 116 -26.03 12.12 8.03
CA GLY B 116 -25.42 13.24 7.34
C GLY B 116 -25.80 14.59 7.94
N ASP B 117 -25.07 15.63 7.54
CA ASP B 117 -25.36 16.98 8.01
C ASP B 117 -26.61 17.53 7.34
N ASP B 118 -27.00 18.74 7.73
CA ASP B 118 -28.09 19.43 7.06
C ASP B 118 -27.70 19.69 5.61
N LEU B 119 -28.65 19.53 4.70
CA LEU B 119 -28.34 19.57 3.27
C LEU B 119 -27.99 20.98 2.77
N SER B 120 -28.22 21.98 3.63
CA SER B 120 -27.84 23.35 3.31
C SER B 120 -26.33 23.51 3.25
N THR B 121 -25.61 22.51 3.76
CA THR B 121 -24.15 22.50 3.69
C THR B 121 -23.70 22.29 2.26
N LEU B 122 -24.56 21.69 1.45
CA LEU B 122 -24.24 21.41 0.05
C LEU B 122 -24.39 22.65 -0.82
N THR B 123 -25.08 23.65 -0.30
CA THR B 123 -25.40 24.87 -1.06
C THR B 123 -24.15 25.59 -1.56
N GLY B 124 -24.10 25.85 -2.87
CA GLY B 124 -23.01 26.56 -3.49
C GLY B 124 -21.68 25.84 -3.42
N LYS B 125 -21.72 24.51 -3.48
CA LYS B 125 -20.49 23.72 -3.38
C LYS B 125 -20.43 22.63 -4.45
N ASN B 126 -19.23 22.11 -4.70
CA ASN B 126 -19.07 20.99 -5.62
C ASN B 126 -19.31 19.67 -4.90
N VAL B 127 -20.49 19.10 -5.08
CA VAL B 127 -20.85 17.87 -4.37
C VAL B 127 -20.52 16.61 -5.15
N LEU B 128 -19.67 15.77 -4.57
CA LEU B 128 -19.32 14.50 -5.17
C LEU B 128 -19.99 13.37 -4.40
N ILE B 129 -20.99 12.75 -5.02
CA ILE B 129 -21.70 11.64 -4.40
C ILE B 129 -21.01 10.33 -4.75
N VAL B 130 -20.67 9.55 -3.73
CA VAL B 130 -19.92 8.32 -3.92
C VAL B 130 -20.77 7.09 -3.62
N GLU B 131 -21.00 6.28 -4.65
CA GLU B 131 -21.89 5.13 -4.55
C GLU B 131 -21.10 3.84 -4.75
N ASP B 132 -21.67 2.72 -4.33
CA ASP B 132 -21.06 1.43 -4.59
C ASP B 132 -21.50 0.87 -5.95
N ILE B 133 -22.79 0.97 -6.22
CA ILE B 133 -23.35 0.38 -7.44
C ILE B 133 -24.55 1.15 -7.97
N ILE B 134 -24.65 1.21 -9.30
CA ILE B 134 -25.87 1.66 -9.96
C ILE B 134 -26.54 0.45 -10.57
N ASP B 135 -27.76 0.16 -10.15
CA ASP B 135 -28.51 -0.97 -10.69
C ASP B 135 -29.57 -0.44 -11.65
N THR B 136 -30.74 -0.10 -11.10
CA THR B 136 -31.82 0.49 -11.90
C THR B 136 -31.54 1.96 -12.20
N GLY B 137 -30.84 2.61 -11.28
CA GLY B 137 -30.47 4.01 -11.44
C GLY B 137 -31.49 4.97 -10.84
N LYS B 138 -32.63 4.42 -10.41
CA LYS B 138 -33.73 5.23 -9.90
C LYS B 138 -33.39 5.90 -8.58
N THR B 139 -32.60 5.21 -7.77
CA THR B 139 -32.19 5.73 -6.46
C THR B 139 -31.39 7.03 -6.60
N MET B 140 -30.41 7.04 -7.49
CA MET B 140 -29.60 8.22 -7.73
C MET B 140 -30.39 9.35 -8.37
N GLN B 141 -31.33 9.01 -9.24
CA GLN B 141 -32.22 10.00 -9.84
C GLN B 141 -33.01 10.73 -8.76
N THR B 142 -33.50 9.96 -7.78
CA THR B 142 -34.24 10.51 -6.64
C THR B 142 -33.34 11.38 -5.78
N LEU B 143 -32.16 10.89 -5.48
CA LEU B 143 -31.19 11.62 -4.65
C LEU B 143 -30.74 12.91 -5.31
N LEU B 144 -30.43 12.84 -6.61
CA LEU B 144 -29.99 14.02 -7.36
C LEU B 144 -31.07 15.10 -7.45
N SER B 145 -32.33 14.68 -7.57
CA SER B 145 -33.44 15.64 -7.60
C SER B 145 -33.57 16.33 -6.26
N LEU B 146 -33.49 15.55 -5.18
CA LEU B 146 -33.54 16.11 -3.83
C LEU B 146 -32.37 17.04 -3.57
N VAL B 147 -31.17 16.58 -3.90
CA VAL B 147 -29.98 17.40 -3.72
C VAL B 147 -30.09 18.67 -4.54
N ARG B 148 -30.58 18.55 -5.78
CA ARG B 148 -30.65 19.72 -6.68
C ARG B 148 -31.48 20.88 -6.12
N GLN B 149 -32.28 20.63 -5.08
CA GLN B 149 -33.12 21.67 -4.50
C GLN B 149 -32.37 22.57 -3.52
N TYR B 150 -31.18 22.17 -3.11
CA TYR B 150 -30.38 22.96 -2.17
C TYR B 150 -29.32 23.81 -2.88
N ASN B 151 -29.35 23.79 -4.21
CA ASN B 151 -28.48 24.61 -5.07
C ASN B 151 -26.98 24.58 -4.77
N PRO B 152 -26.22 23.66 -5.38
CA PRO B 152 -24.78 23.63 -5.21
C PRO B 152 -24.12 24.24 -6.42
N LYS B 153 -22.80 24.23 -6.45
CA LYS B 153 -22.13 24.69 -7.66
C LYS B 153 -22.35 23.61 -8.70
N MET B 154 -21.99 22.38 -8.36
CA MET B 154 -22.23 21.23 -9.22
C MET B 154 -22.49 19.99 -8.38
N VAL B 155 -23.08 18.97 -8.99
CA VAL B 155 -23.29 17.67 -8.33
CA VAL B 155 -23.23 17.68 -8.32
C VAL B 155 -22.86 16.54 -9.26
N LYS B 156 -21.88 15.75 -8.82
CA LYS B 156 -21.39 14.64 -9.63
C LYS B 156 -21.50 13.33 -8.87
N VAL B 157 -21.54 12.23 -9.60
CA VAL B 157 -21.69 10.92 -8.99
C VAL B 157 -20.59 9.97 -9.44
N ALA B 158 -19.91 9.37 -8.48
CA ALA B 158 -18.91 8.36 -8.76
C ALA B 158 -19.40 7.03 -8.18
N SER B 159 -19.68 6.08 -9.06
CA SER B 159 -20.13 4.76 -8.64
C SER B 159 -19.11 3.72 -9.06
N LEU B 160 -18.76 2.84 -8.13
CA LEU B 160 -17.80 1.78 -8.41
C LEU B 160 -18.33 0.86 -9.51
N LEU B 161 -19.60 0.51 -9.41
CA LEU B 161 -20.20 -0.46 -10.33
C LEU B 161 -21.43 0.10 -11.03
N VAL B 162 -21.57 -0.22 -12.30
CA VAL B 162 -22.80 0.04 -13.04
C VAL B 162 -23.23 -1.25 -13.73
N LYS B 163 -24.46 -1.68 -13.48
CA LYS B 163 -24.97 -2.92 -14.07
C LYS B 163 -25.55 -2.73 -15.46
N ARG B 164 -25.24 -3.66 -16.36
CA ARG B 164 -25.93 -3.75 -17.65
C ARG B 164 -27.23 -4.51 -17.43
N THR B 165 -28.35 -3.81 -17.50
CA THR B 165 -29.65 -4.41 -17.20
C THR B 165 -30.79 -3.55 -17.73
N PRO B 166 -31.94 -4.18 -18.02
CA PRO B 166 -33.16 -3.41 -18.28
C PRO B 166 -33.50 -2.46 -17.12
N ARG B 167 -33.12 -1.19 -17.27
CA ARG B 167 -33.33 -0.17 -16.24
C ARG B 167 -33.49 1.22 -16.82
N SER B 168 -33.43 2.23 -15.96
CA SER B 168 -33.82 3.56 -16.40
C SER B 168 -32.77 4.22 -17.27
N TYR B 171 -30.16 6.04 -16.09
CA TYR B 171 -29.19 6.96 -15.52
C TYR B 171 -27.75 6.46 -15.67
N LYS B 172 -26.83 7.38 -15.93
CA LYS B 172 -25.41 7.06 -16.00
C LYS B 172 -24.62 8.03 -15.13
N PRO B 173 -23.75 7.50 -14.26
CA PRO B 173 -22.94 8.33 -13.35
C PRO B 173 -21.85 9.07 -14.10
N ASP B 174 -21.31 10.12 -13.47
CA ASP B 174 -20.26 10.93 -14.10
C ASP B 174 -18.93 10.19 -14.08
N PHE B 175 -18.73 9.35 -13.07
CA PHE B 175 -17.51 8.57 -12.93
C PHE B 175 -17.87 7.11 -12.66
N VAL B 176 -17.34 6.21 -13.49
CA VAL B 176 -17.66 4.80 -13.39
C VAL B 176 -16.39 3.95 -13.32
N GLY B 177 -16.35 3.05 -12.34
CA GLY B 177 -15.25 2.11 -12.23
C GLY B 177 -15.39 0.96 -13.20
N PHE B 178 -16.41 0.13 -13.00
CA PHE B 178 -16.61 -1.08 -13.80
C PHE B 178 -18.05 -1.21 -14.27
N GLU B 179 -18.24 -1.58 -15.54
CA GLU B 179 -19.56 -1.94 -16.05
C GLU B 179 -19.69 -3.46 -16.04
N ILE B 180 -20.51 -3.97 -15.12
CA ILE B 180 -20.61 -5.40 -14.89
C ILE B 180 -21.86 -6.03 -15.51
N PRO B 181 -21.85 -7.36 -15.68
CA PRO B 181 -23.06 -8.07 -16.13
C PRO B 181 -24.18 -8.00 -15.09
N ASP B 182 -25.37 -8.45 -15.48
CA ASP B 182 -26.52 -8.47 -14.58
C ASP B 182 -26.42 -9.64 -13.60
N LYS B 183 -25.42 -9.58 -12.72
CA LYS B 183 -25.22 -10.60 -11.71
C LYS B 183 -25.08 -9.98 -10.32
N PHE B 184 -25.54 -10.67 -9.30
CA PHE B 184 -25.38 -10.21 -7.93
C PHE B 184 -23.95 -10.42 -7.46
N VAL B 185 -23.27 -9.34 -7.09
CA VAL B 185 -21.89 -9.43 -6.61
C VAL B 185 -21.77 -8.93 -5.17
N VAL B 186 -20.77 -9.45 -4.46
CA VAL B 186 -20.48 -9.00 -3.11
C VAL B 186 -19.02 -8.61 -2.97
N GLY B 187 -18.63 -8.14 -1.80
CA GLY B 187 -17.25 -7.76 -1.54
C GLY B 187 -16.98 -6.28 -1.70
N TYR B 188 -15.82 -5.85 -1.23
CA TYR B 188 -15.42 -4.44 -1.28
C TYR B 188 -16.55 -3.54 -0.74
N ALA B 189 -17.06 -3.92 0.43
CA ALA B 189 -18.18 -3.27 1.12
C ALA B 189 -19.58 -3.58 0.60
N LEU B 190 -19.67 -4.17 -0.60
CA LEU B 190 -20.98 -4.62 -1.10
C LEU B 190 -21.39 -5.89 -0.36
N ASP B 191 -22.67 -5.99 0.02
CA ASP B 191 -23.10 -7.02 0.94
C ASP B 191 -24.16 -7.97 0.42
N TYR B 192 -24.27 -9.10 1.13
CA TYR B 192 -25.42 -9.98 1.03
C TYR B 192 -25.92 -10.19 2.45
N ASN B 193 -27.05 -9.56 2.77
CA ASN B 193 -27.60 -9.59 4.13
CA ASN B 193 -27.60 -9.58 4.12
C ASN B 193 -26.57 -9.19 5.19
N GLU B 194 -25.88 -8.07 4.92
CA GLU B 194 -24.85 -7.51 5.79
C GLU B 194 -23.51 -8.26 5.75
N TYR B 195 -23.50 -9.44 5.15
CA TYR B 195 -22.28 -10.22 5.05
C TYR B 195 -21.41 -9.83 3.86
N PHE B 196 -20.19 -10.36 3.82
CA PHE B 196 -19.24 -10.15 2.72
C PHE B 196 -18.73 -8.72 2.57
N ARG B 197 -19.08 -7.84 3.50
CA ARG B 197 -18.51 -6.49 3.48
C ARG B 197 -17.05 -6.59 3.90
N ASP B 198 -16.75 -7.58 4.73
CA ASP B 198 -15.39 -7.84 5.18
C ASP B 198 -14.67 -8.70 4.17
N LEU B 199 -14.80 -8.34 2.90
CA LEU B 199 -14.15 -9.04 1.81
C LEU B 199 -13.47 -8.01 0.91
N ASN B 200 -12.22 -8.29 0.55
CA ASN B 200 -11.41 -7.34 -0.18
C ASN B 200 -11.70 -7.30 -1.68
N HIS B 201 -11.91 -8.46 -2.29
CA HIS B 201 -12.23 -8.54 -3.71
C HIS B 201 -13.74 -8.40 -3.95
N VAL B 202 -14.12 -8.08 -5.18
CA VAL B 202 -15.52 -8.22 -5.59
C VAL B 202 -15.72 -9.62 -6.14
N CYS B 203 -16.68 -10.35 -5.59
CA CYS B 203 -16.88 -11.75 -5.94
C CYS B 203 -18.34 -12.13 -6.13
N VAL B 204 -18.57 -13.37 -6.55
CA VAL B 204 -19.91 -13.93 -6.69
C VAL B 204 -20.13 -15.03 -5.64
N ILE B 205 -21.26 -14.99 -4.95
CA ILE B 205 -21.55 -15.96 -3.90
C ILE B 205 -21.90 -17.32 -4.50
N SER B 206 -21.63 -18.39 -3.76
CA SER B 206 -22.04 -19.72 -4.15
C SER B 206 -23.41 -20.04 -3.58
N GLU B 207 -23.99 -21.17 -3.98
CA GLU B 207 -25.29 -21.59 -3.48
C GLU B 207 -25.21 -21.95 -1.99
N THR B 208 -24.05 -22.44 -1.56
CA THR B 208 -23.78 -22.67 -0.16
C THR B 208 -23.90 -21.37 0.62
N GLY B 209 -23.25 -20.33 0.10
CA GLY B 209 -23.24 -19.03 0.74
C GLY B 209 -24.60 -18.37 0.84
N LYS B 210 -25.38 -18.42 -0.24
CA LYS B 210 -26.70 -17.80 -0.25
C LYS B 210 -27.64 -18.45 0.76
N ALA B 211 -27.45 -19.74 0.99
CA ALA B 211 -28.30 -20.46 1.94
C ALA B 211 -27.76 -20.34 3.36
N LYS B 212 -26.46 -20.15 3.48
CA LYS B 212 -25.82 -20.04 4.79
C LYS B 212 -26.16 -18.71 5.44
N TYR B 213 -26.14 -17.64 4.64
CA TYR B 213 -26.36 -16.29 5.14
C TYR B 213 -27.70 -15.73 4.69
N LYS B 214 -28.64 -16.61 4.37
CA LYS B 214 -29.98 -16.18 3.99
C LYS B 214 -30.67 -15.46 5.14
N ALA B 215 -31.52 -14.50 4.81
CA ALA B 215 -32.27 -13.77 5.82
C ALA B 215 -33.46 -14.60 6.30
N PRO C 3 18.26 19.38 6.70
CA PRO C 3 19.02 18.30 6.06
C PRO C 3 18.47 16.93 6.44
N GLY C 4 17.28 16.61 5.96
CA GLY C 4 16.64 15.34 6.26
C GLY C 4 16.02 15.31 7.64
N VAL C 5 15.38 14.19 7.98
CA VAL C 5 14.75 14.03 9.28
C VAL C 5 15.79 13.70 10.34
N VAL C 6 15.99 14.63 11.27
CA VAL C 6 17.03 14.49 12.28
C VAL C 6 16.58 13.62 13.44
N ILE C 7 17.27 12.51 13.64
CA ILE C 7 17.05 11.66 14.80
C ILE C 7 18.18 11.91 15.81
N SER C 8 17.86 12.55 16.92
CA SER C 8 18.87 12.96 17.90
C SER C 8 19.48 11.76 18.63
N ASP C 9 20.59 12.02 19.31
CA ASP C 9 21.34 10.96 19.99
C ASP C 9 20.57 10.29 21.13
N ASP C 10 19.62 11.01 21.71
CA ASP C 10 18.91 10.52 22.89
C ASP C 10 17.56 9.89 22.60
N GLU C 11 17.24 9.71 21.33
CA GLU C 11 15.97 9.07 20.96
C GLU C 11 16.02 7.58 21.32
N PRO C 12 15.09 7.15 22.19
CA PRO C 12 15.07 5.78 22.70
C PRO C 12 14.47 4.79 21.70
N GLY C 13 13.81 5.31 20.68
CA GLY C 13 13.15 4.46 19.70
C GLY C 13 11.78 4.02 20.18
N TYR C 14 11.40 2.79 19.82
CA TYR C 14 10.08 2.27 20.17
C TYR C 14 10.17 0.85 20.70
N ASP C 15 9.28 0.52 21.64
CA ASP C 15 9.18 -0.82 22.19
C ASP C 15 8.77 -1.80 21.08
N LEU C 16 9.30 -3.01 21.14
CA LEU C 16 9.03 -4.02 20.12
C LEU C 16 7.56 -4.44 20.03
N ASP C 17 6.91 -4.56 21.18
CA ASP C 17 5.54 -5.08 21.24
C ASP C 17 4.49 -4.05 20.79
N LEU C 18 4.95 -2.86 20.40
CA LEU C 18 4.03 -1.84 19.91
C LEU C 18 3.89 -1.93 18.40
N PHE C 19 4.74 -2.75 17.77
CA PHE C 19 4.73 -2.89 16.32
C PHE C 19 4.65 -4.36 15.89
N CYS C 20 4.42 -4.57 14.59
CA CYS C 20 4.52 -5.90 14.00
C CYS C 20 5.99 -6.18 13.66
N ILE C 21 6.50 -7.30 14.16
CA ILE C 21 7.91 -7.62 14.06
C ILE C 21 8.07 -9.05 13.53
N PRO C 22 9.07 -9.27 12.65
CA PRO C 22 9.42 -10.63 12.22
C PRO C 22 9.57 -11.55 13.43
N ASN C 23 8.83 -12.66 13.41
CA ASN C 23 8.77 -13.57 14.53
C ASN C 23 10.12 -14.19 14.88
N HIS C 24 10.92 -14.47 13.87
CA HIS C 24 12.22 -15.12 14.07
C HIS C 24 13.28 -14.14 14.59
N TYR C 25 12.90 -12.89 14.73
CA TYR C 25 13.81 -11.85 15.23
C TYR C 25 13.37 -11.30 16.59
N ALA C 26 12.34 -11.90 17.17
CA ALA C 26 11.72 -11.39 18.40
C ALA C 26 12.73 -11.19 19.54
N GLU C 27 13.69 -12.11 19.66
CA GLU C 27 14.70 -12.02 20.71
C GLU C 27 15.95 -11.33 20.21
N ASP C 28 15.99 -11.02 18.92
CA ASP C 28 17.20 -10.52 18.29
C ASP C 28 17.23 -9.01 18.16
N LEU C 29 16.10 -8.35 18.45
CA LEU C 29 16.01 -6.91 18.34
C LEU C 29 15.83 -6.23 19.68
N GLU C 30 16.36 -5.01 19.81
CA GLU C 30 16.26 -4.26 21.05
C GLU C 30 15.10 -3.26 21.00
N ARG C 31 15.13 -2.39 19.98
CA ARG C 31 14.11 -1.38 19.78
C ARG C 31 13.86 -1.16 18.29
N VAL C 32 12.70 -0.63 17.95
CA VAL C 32 12.45 -0.18 16.59
C VAL C 32 12.96 1.25 16.50
N PHE C 33 13.87 1.51 15.56
CA PHE C 33 14.49 2.81 15.46
C PHE C 33 13.74 3.72 14.49
N ILE C 34 13.53 3.24 13.27
CA ILE C 34 12.74 3.96 12.30
C ILE C 34 11.63 3.07 11.76
N PRO C 35 10.38 3.34 12.17
CA PRO C 35 9.23 2.57 11.70
C PRO C 35 9.14 2.59 10.17
N HIS C 36 8.71 1.48 9.59
CA HIS C 36 8.65 1.33 8.14
C HIS C 36 7.85 2.45 7.47
N GLY C 37 6.71 2.77 8.08
CA GLY C 37 5.83 3.79 7.54
C GLY C 37 6.45 5.18 7.49
N LEU C 38 7.31 5.48 8.46
CA LEU C 38 8.04 6.75 8.48
C LEU C 38 8.98 6.80 7.29
N ILE C 39 9.63 5.68 7.01
CA ILE C 39 10.52 5.58 5.85
C ILE C 39 9.75 5.91 4.57
N MET C 40 8.58 5.29 4.42
CA MET C 40 7.71 5.53 3.26
C MET C 40 7.33 7.00 3.13
N ASP C 41 6.86 7.60 4.23
CA ASP C 41 6.47 9.00 4.22
C ASP C 41 7.61 9.91 3.78
N ARG C 42 8.79 9.69 4.34
CA ARG C 42 9.96 10.48 4.00
C ARG C 42 10.40 10.24 2.56
N THR C 43 10.36 8.98 2.15
CA THR C 43 10.75 8.60 0.79
C THR C 43 9.81 9.22 -0.23
N GLU C 44 8.53 9.36 0.13
CA GLU C 44 7.55 10.00 -0.73
C GLU C 44 7.95 11.43 -1.06
N ARG C 45 8.34 12.19 -0.04
CA ARG C 45 8.76 13.57 -0.25
C ARG C 45 10.05 13.62 -1.08
N LEU C 46 10.98 12.72 -0.78
CA LEU C 46 12.26 12.68 -1.48
C LEU C 46 12.07 12.45 -2.98
N ALA C 47 11.10 11.62 -3.33
CA ALA C 47 10.83 11.29 -4.72
C ALA C 47 10.37 12.53 -5.49
N ARG C 48 9.70 13.44 -4.79
CA ARG C 48 9.26 14.68 -5.40
C ARG C 48 10.41 15.67 -5.54
N ASP C 49 11.36 15.60 -4.60
CA ASP C 49 12.54 16.45 -4.64
C ASP C 49 13.48 15.99 -5.75
N VAL C 50 13.49 14.67 -5.99
CA VAL C 50 14.29 14.10 -7.06
C VAL C 50 13.81 14.60 -8.42
N MET C 51 12.51 14.49 -8.64
CA MET C 51 11.89 14.92 -9.90
C MET C 51 11.98 16.42 -10.10
N LYS C 52 12.03 17.17 -9.00
CA LYS C 52 12.12 18.62 -9.07
C LYS C 52 13.47 19.06 -9.60
N GLU C 53 14.51 18.30 -9.28
CA GLU C 53 15.87 18.66 -9.67
C GLU C 53 16.39 17.87 -10.88
N MET C 54 15.85 16.68 -11.09
CA MET C 54 16.41 15.78 -12.10
C MET C 54 15.42 15.36 -13.19
N GLY C 55 14.14 15.72 -13.01
CA GLY C 55 13.11 15.27 -13.91
C GLY C 55 13.11 15.92 -15.29
N GLY C 56 14.07 16.81 -15.52
CA GLY C 56 14.13 17.55 -16.77
C GLY C 56 14.84 16.80 -17.88
N HIS C 57 15.55 15.74 -17.50
CA HIS C 57 16.27 14.94 -18.48
C HIS C 57 16.23 13.47 -18.10
N HIS C 58 16.49 12.59 -19.07
CA HIS C 58 16.46 11.15 -18.85
C HIS C 58 17.29 10.74 -17.65
N ILE C 59 16.65 10.04 -16.71
CA ILE C 59 17.30 9.62 -15.48
C ILE C 59 17.79 8.17 -15.55
N VAL C 60 19.06 7.96 -15.23
CA VAL C 60 19.59 6.63 -15.02
C VAL C 60 19.75 6.37 -13.53
N ALA C 61 18.97 5.42 -13.01
CA ALA C 61 18.97 5.13 -11.58
C ALA C 61 19.87 3.95 -11.25
N LEU C 62 20.89 4.21 -10.44
CA LEU C 62 21.85 3.18 -10.04
C LEU C 62 21.62 2.72 -8.61
N CYS C 63 21.26 1.44 -8.45
CA CYS C 63 21.09 0.87 -7.12
C CYS C 63 22.38 0.24 -6.62
N VAL C 64 22.80 0.63 -5.42
CA VAL C 64 24.00 0.06 -4.80
C VAL C 64 23.64 -1.15 -3.95
N LEU C 65 23.66 -2.32 -4.56
CA LEU C 65 23.37 -3.58 -3.87
C LEU C 65 24.36 -3.83 -2.73
N LYS C 66 23.92 -4.50 -1.67
CA LYS C 66 22.56 -5.00 -1.55
C LYS C 66 21.69 -4.05 -0.73
N GLY C 67 22.32 -3.32 0.17
CA GLY C 67 21.63 -2.50 1.16
C GLY C 67 20.67 -1.47 0.61
N GLY C 68 20.85 -1.08 -0.65
CA GLY C 68 20.02 -0.05 -1.25
C GLY C 68 18.76 -0.55 -1.93
N TYR C 69 18.60 -1.87 -2.03
CA TYR C 69 17.53 -2.46 -2.84
C TYR C 69 16.11 -2.04 -2.43
N LYS C 70 15.86 -1.95 -1.12
CA LYS C 70 14.55 -1.53 -0.62
C LYS C 70 14.29 -0.06 -0.90
N PHE C 71 15.22 0.80 -0.49
CA PHE C 71 15.10 2.23 -0.70
C PHE C 71 14.97 2.55 -2.19
N PHE C 72 15.74 1.82 -3.01
CA PHE C 72 15.69 1.98 -4.46
C PHE C 72 14.30 1.66 -5.03
N ALA C 73 13.74 0.50 -4.66
CA ALA C 73 12.44 0.10 -5.16
C ALA C 73 11.32 1.05 -4.70
N ASP C 74 11.35 1.43 -3.43
CA ASP C 74 10.30 2.29 -2.89
C ASP C 74 10.41 3.74 -3.40
N LEU C 75 11.63 4.23 -3.57
CA LEU C 75 11.82 5.57 -4.12
C LEU C 75 11.30 5.66 -5.54
N LEU C 76 11.57 4.63 -6.32
CA LEU C 76 11.12 4.61 -7.72
C LEU C 76 9.61 4.41 -7.82
N ASP C 77 9.04 3.67 -6.87
CA ASP C 77 7.59 3.51 -6.81
C ASP C 77 6.89 4.87 -6.65
N TYR C 78 7.40 5.68 -5.73
CA TYR C 78 6.85 7.01 -5.55
C TYR C 78 7.13 7.91 -6.75
N ILE C 79 8.31 7.77 -7.33
CA ILE C 79 8.64 8.49 -8.56
C ILE C 79 7.67 8.13 -9.67
N LYS C 80 7.37 6.83 -9.81
CA LYS C 80 6.40 6.35 -10.79
C LYS C 80 4.99 6.87 -10.51
N ALA C 81 4.63 6.93 -9.22
CA ALA C 81 3.33 7.45 -8.81
C ALA C 81 3.15 8.88 -9.30
N LEU C 82 4.23 9.67 -9.20
CA LEU C 82 4.21 11.02 -9.70
C LEU C 82 4.05 11.04 -11.22
N ASN C 83 4.84 10.22 -11.90
CA ASN C 83 4.91 10.24 -13.36
C ASN C 83 3.64 9.80 -14.08
N ARG C 84 2.79 9.02 -13.42
CA ARG C 84 1.55 8.61 -14.05
C ARG C 84 0.38 9.49 -13.62
N ASN C 85 0.70 10.65 -13.04
CA ASN C 85 -0.31 11.60 -12.62
C ASN C 85 0.07 13.03 -12.97
N SER C 86 1.10 13.17 -13.81
CA SER C 86 1.61 14.48 -14.19
C SER C 86 1.42 14.75 -15.68
N ASP C 87 1.61 16.01 -16.08
CA ASP C 87 1.51 16.39 -17.49
C ASP C 87 2.84 16.20 -18.20
N ARG C 88 3.91 16.09 -17.42
CA ARG C 88 5.25 15.91 -17.97
C ARG C 88 6.07 14.92 -17.15
N SER C 89 6.85 14.11 -17.84
CA SER C 89 7.74 13.16 -17.20
C SER C 89 8.80 12.68 -18.19
N ILE C 90 9.94 12.24 -17.67
CA ILE C 90 10.99 11.68 -18.51
C ILE C 90 11.19 10.22 -18.18
N PRO C 91 11.45 9.39 -19.20
CA PRO C 91 11.68 7.95 -19.02
C PRO C 91 12.90 7.66 -18.15
N MET C 92 12.82 6.57 -17.39
CA MET C 92 13.93 6.17 -16.52
C MET C 92 14.44 4.79 -16.89
N THR C 93 15.76 4.64 -16.90
CA THR C 93 16.38 3.32 -17.00
C THR C 93 17.04 3.00 -15.66
N VAL C 94 17.02 1.73 -15.28
CA VAL C 94 17.58 1.35 -13.99
C VAL C 94 18.81 0.47 -14.15
N ASP C 95 19.61 0.42 -13.09
CA ASP C 95 20.80 -0.43 -13.08
C ASP C 95 21.19 -0.74 -11.65
N PHE C 96 21.85 -1.89 -11.47
CA PHE C 96 22.19 -2.37 -10.15
C PHE C 96 23.67 -2.72 -10.07
N ILE C 97 24.37 -2.09 -9.12
CA ILE C 97 25.80 -2.32 -9.00
C ILE C 97 26.19 -2.76 -7.60
N ARG C 98 27.30 -3.48 -7.52
CA ARG C 98 27.88 -3.86 -6.24
C ARG C 98 29.29 -3.28 -6.20
N LEU C 99 29.76 -2.93 -5.01
CA LEU C 99 31.03 -2.21 -4.89
C LEU C 99 32.08 -3.07 -4.19
N LYS C 100 33.30 -3.01 -4.71
CA LYS C 100 34.41 -3.80 -4.14
C LYS C 100 35.75 -3.07 -4.28
N SER C 101 36.73 -3.50 -3.49
CA SER C 101 38.06 -2.91 -3.52
C SER C 101 38.96 -3.59 -4.53
N TYR C 102 40.23 -3.18 -4.56
CA TYR C 102 41.23 -3.71 -5.47
C TYR C 102 40.82 -3.59 -6.94
N ILE C 111 37.64 2.37 -6.16
CA ILE C 111 36.71 1.26 -5.97
C ILE C 111 36.40 0.59 -7.30
N LYS C 112 36.05 -0.69 -7.25
CA LYS C 112 35.71 -1.44 -8.46
C LYS C 112 34.20 -1.71 -8.52
N VAL C 113 33.57 -1.28 -9.60
CA VAL C 113 32.15 -1.51 -9.80
C VAL C 113 31.90 -2.93 -10.33
N ILE C 114 31.12 -3.70 -9.58
CA ILE C 114 30.84 -5.08 -9.94
C ILE C 114 29.44 -5.20 -10.56
N GLY C 115 29.36 -5.80 -11.74
CA GLY C 115 28.10 -5.91 -12.45
C GLY C 115 27.68 -4.61 -13.08
N GLY C 116 26.40 -4.51 -13.44
CA GLY C 116 25.87 -3.30 -14.03
C GLY C 116 26.25 -3.12 -15.49
N ASP C 117 25.63 -2.13 -16.14
CA ASP C 117 25.90 -1.85 -17.54
C ASP C 117 27.23 -1.14 -17.71
N ASP C 118 27.66 -0.98 -18.96
CA ASP C 118 28.86 -0.22 -19.27
C ASP C 118 28.67 1.21 -18.80
N LEU C 119 29.70 1.78 -18.19
CA LEU C 119 29.62 3.13 -17.62
C LEU C 119 29.39 4.20 -18.67
N SER C 120 29.62 3.85 -19.94
CA SER C 120 29.39 4.76 -21.06
C SER C 120 27.90 5.09 -21.21
N THR C 121 27.04 4.30 -20.56
CA THR C 121 25.61 4.53 -20.62
C THR C 121 25.18 5.71 -19.75
N LEU C 122 26.12 6.26 -19.00
CA LEU C 122 25.82 7.36 -18.08
C LEU C 122 26.06 8.71 -18.72
N THR C 123 26.83 8.73 -19.80
CA THR C 123 27.23 9.98 -20.45
C THR C 123 26.03 10.78 -20.94
N GLY C 124 26.01 12.06 -20.62
CA GLY C 124 24.93 12.95 -21.04
C GLY C 124 23.59 12.70 -20.36
N LYS C 125 23.58 11.80 -19.38
CA LYS C 125 22.35 11.48 -18.68
C LYS C 125 22.36 11.94 -17.22
N ASN C 126 21.18 12.15 -16.65
CA ASN C 126 21.06 12.50 -15.24
C ASN C 126 21.13 11.24 -14.39
N VAL C 127 22.24 11.08 -13.64
CA VAL C 127 22.45 9.87 -12.85
C VAL C 127 22.05 10.04 -11.39
N LEU C 128 21.23 9.12 -10.89
CA LEU C 128 20.84 9.10 -9.48
C LEU C 128 21.37 7.85 -8.79
N ILE C 129 22.40 8.01 -7.97
CA ILE C 129 22.94 6.90 -7.21
C ILE C 129 22.16 6.75 -5.93
N VAL C 130 21.62 5.55 -5.70
CA VAL C 130 20.77 5.30 -4.55
C VAL C 130 21.45 4.40 -3.51
N GLU C 131 21.71 4.97 -2.34
CA GLU C 131 22.41 4.25 -1.29
C GLU C 131 21.54 4.01 -0.06
N ASP C 132 21.99 3.09 0.78
CA ASP C 132 21.32 2.82 2.04
C ASP C 132 21.80 3.77 3.13
N ILE C 133 23.10 3.98 3.20
CA ILE C 133 23.68 4.79 4.28
C ILE C 133 24.98 5.49 3.86
N ILE C 134 25.22 6.67 4.43
CA ILE C 134 26.49 7.35 4.31
C ILE C 134 27.15 7.40 5.68
N ASP C 135 28.26 6.71 5.85
CA ASP C 135 28.96 6.68 7.13
C ASP C 135 30.11 7.69 7.11
N THR C 136 31.29 7.23 6.70
CA THR C 136 32.42 8.13 6.55
C THR C 136 32.27 8.99 5.29
N GLY C 137 31.62 8.42 4.28
CA GLY C 137 31.39 9.14 3.04
C GLY C 137 32.50 8.91 2.03
N LYS C 138 33.51 8.14 2.43
CA LYS C 138 34.66 7.86 1.58
C LYS C 138 34.26 7.05 0.35
N THR C 139 33.33 6.12 0.52
CA THR C 139 32.87 5.29 -0.58
C THR C 139 32.21 6.11 -1.68
N MET C 140 31.33 7.03 -1.29
CA MET C 140 30.63 7.84 -2.27
C MET C 140 31.54 8.86 -2.97
N GLN C 141 32.47 9.44 -2.21
CA GLN C 141 33.45 10.34 -2.78
C GLN C 141 34.23 9.65 -3.91
N THR C 142 34.60 8.40 -3.67
CA THR C 142 35.35 7.62 -4.65
C THR C 142 34.47 7.22 -5.84
N LEU C 143 33.24 6.83 -5.56
CA LEU C 143 32.32 6.40 -6.61
C LEU C 143 31.98 7.57 -7.52
N LEU C 144 31.76 8.74 -6.92
CA LEU C 144 31.47 9.95 -7.68
C LEU C 144 32.63 10.35 -8.59
N SER C 145 33.86 10.21 -8.10
CA SER C 145 35.04 10.56 -8.90
C SER C 145 35.14 9.68 -10.15
N LEU C 146 34.74 8.42 -10.00
CA LEU C 146 34.73 7.49 -11.13
C LEU C 146 33.66 7.85 -12.15
N VAL C 147 32.46 8.16 -11.65
CA VAL C 147 31.32 8.48 -12.52
C VAL C 147 31.57 9.75 -13.34
N ARG C 148 32.16 10.76 -12.71
CA ARG C 148 32.46 12.02 -13.38
C ARG C 148 33.31 11.83 -14.64
N GLN C 149 34.12 10.78 -14.66
CA GLN C 149 35.02 10.51 -15.78
C GLN C 149 34.26 10.26 -17.07
N TYR C 150 33.02 9.78 -16.94
CA TYR C 150 32.21 9.47 -18.12
C TYR C 150 31.25 10.60 -18.46
N ASN C 151 31.56 11.80 -17.98
CA ASN C 151 30.81 13.02 -18.29
C ASN C 151 29.28 12.90 -18.33
N PRO C 152 28.66 12.53 -17.20
CA PRO C 152 27.20 12.54 -17.19
C PRO C 152 26.69 13.97 -17.10
N LYS C 153 25.44 14.19 -17.47
CA LYS C 153 24.88 15.54 -17.41
C LYS C 153 24.80 16.00 -15.96
N MET C 154 24.55 15.05 -15.06
CA MET C 154 24.31 15.36 -13.66
C MET C 154 24.44 14.10 -12.81
N VAL C 155 25.16 14.20 -11.69
CA VAL C 155 25.22 13.09 -10.75
C VAL C 155 24.73 13.52 -9.38
N LYS C 156 23.67 12.89 -8.92
CA LYS C 156 23.11 13.16 -7.60
C LYS C 156 23.05 11.86 -6.81
N VAL C 157 23.02 11.97 -5.50
CA VAL C 157 23.03 10.79 -4.64
C VAL C 157 21.91 10.83 -3.62
N ALA C 158 21.08 9.80 -3.63
CA ALA C 158 20.01 9.66 -2.65
C ALA C 158 20.38 8.59 -1.64
N SER C 159 20.55 8.99 -0.40
CA SER C 159 20.87 8.05 0.67
C SER C 159 19.80 8.10 1.75
N LEU C 160 19.28 6.93 2.12
CA LEU C 160 18.23 6.87 3.13
C LEU C 160 18.74 7.35 4.49
N LEU C 161 19.96 6.97 4.83
CA LEU C 161 20.52 7.28 6.14
C LEU C 161 21.85 8.01 6.04
N VAL C 162 22.01 9.03 6.88
CA VAL C 162 23.30 9.70 7.04
C VAL C 162 23.66 9.73 8.52
N LYS C 163 24.86 9.29 8.86
CA LYS C 163 25.27 9.24 10.26
C LYS C 163 25.96 10.53 10.69
N ARG C 164 25.72 10.93 11.93
CA ARG C 164 26.49 12.00 12.55
C ARG C 164 27.72 11.39 13.22
N THR C 165 28.82 11.36 12.50
CA THR C 165 30.02 10.69 12.96
C THR C 165 31.27 11.53 12.74
N PRO C 166 32.20 11.52 13.71
CA PRO C 166 33.47 12.25 13.61
C PRO C 166 34.39 11.63 12.56
N ARG C 167 34.05 10.45 12.09
CA ARG C 167 34.86 9.74 11.10
C ARG C 167 34.48 10.17 9.68
N SER C 168 33.46 11.00 9.57
CA SER C 168 33.01 11.52 8.29
C SER C 168 34.11 12.33 7.61
N VAL C 169 34.40 12.00 6.35
CA VAL C 169 35.44 12.70 5.61
C VAL C 169 34.99 14.08 5.17
N GLY C 170 33.67 14.33 5.26
CA GLY C 170 33.12 15.62 4.92
C GLY C 170 32.16 15.60 3.75
N TYR C 171 31.74 14.40 3.34
CA TYR C 171 30.81 14.27 2.22
C TYR C 171 29.35 14.19 2.66
N LYS C 172 28.49 14.95 1.99
CA LYS C 172 27.06 14.91 2.23
C LYS C 172 26.31 14.61 0.92
N PRO C 173 25.32 13.72 0.96
CA PRO C 173 24.56 13.38 -0.24
C PRO C 173 23.52 14.44 -0.58
N ASP C 174 23.08 14.49 -1.83
CA ASP C 174 22.14 15.50 -2.30
C ASP C 174 20.74 15.28 -1.77
N PHE C 175 20.42 14.02 -1.45
CA PHE C 175 19.13 13.67 -0.91
C PHE C 175 19.30 12.78 0.31
N VAL C 176 18.68 13.15 1.42
CA VAL C 176 18.80 12.41 2.67
C VAL C 176 17.43 12.14 3.30
N GLY C 177 17.18 10.88 3.63
CA GLY C 177 15.97 10.52 4.33
C GLY C 177 16.05 10.90 5.80
N PHE C 178 17.03 10.34 6.49
CA PHE C 178 17.18 10.55 7.94
C PHE C 178 18.63 10.81 8.34
N GLU C 179 18.82 11.67 9.32
CA GLU C 179 20.15 11.86 9.91
C GLU C 179 20.20 11.15 11.26
N ILE C 180 20.94 10.04 11.31
CA ILE C 180 20.94 9.18 12.48
C ILE C 180 22.20 9.32 13.33
N PRO C 181 22.13 8.94 14.61
CA PRO C 181 23.32 8.99 15.47
C PRO C 181 24.38 7.98 15.02
N ASP C 182 25.56 8.05 15.63
CA ASP C 182 26.65 7.14 15.28
C ASP C 182 26.43 5.77 15.92
N LYS C 183 25.35 5.11 15.50
CA LYS C 183 24.99 3.81 16.06
C LYS C 183 24.73 2.82 14.93
N PHE C 184 24.94 1.53 15.23
CA PHE C 184 24.72 0.49 14.24
C PHE C 184 23.24 0.14 14.11
N VAL C 185 22.71 0.23 12.92
CA VAL C 185 21.30 -0.08 12.68
C VAL C 185 21.13 -1.15 11.62
N VAL C 186 20.04 -1.92 11.74
CA VAL C 186 19.73 -2.97 10.77
C VAL C 186 18.31 -2.79 10.24
N GLY C 187 17.93 -3.61 9.26
CA GLY C 187 16.59 -3.59 8.73
C GLY C 187 16.45 -2.72 7.49
N TYR C 188 15.34 -2.90 6.78
CA TYR C 188 15.08 -2.19 5.53
C TYR C 188 16.25 -2.37 4.55
N ALA C 189 16.64 -3.63 4.36
CA ALA C 189 17.75 -4.07 3.51
C ALA C 189 19.14 -3.88 4.11
N LEU C 190 19.24 -3.16 5.22
CA LEU C 190 20.50 -3.04 5.94
C LEU C 190 20.73 -4.27 6.80
N ASP C 191 21.97 -4.77 6.82
CA ASP C 191 22.22 -6.10 7.39
C ASP C 191 23.19 -6.14 8.57
N TYR C 192 23.20 -7.29 9.23
CA TYR C 192 24.24 -7.66 10.17
C TYR C 192 24.65 -9.08 9.82
N ASN C 193 25.79 -9.21 9.15
CA ASN C 193 26.26 -10.49 8.64
CA ASN C 193 26.26 -10.49 8.63
C ASN C 193 25.20 -11.20 7.80
N GLU C 194 24.61 -10.44 6.87
CA GLU C 194 23.59 -10.90 5.93
C GLU C 194 22.18 -11.09 6.50
N TYR C 195 22.04 -10.99 7.82
CA TYR C 195 20.74 -11.08 8.45
C TYR C 195 20.04 -9.72 8.53
N PHE C 196 18.76 -9.75 8.87
CA PHE C 196 17.93 -8.55 9.06
C PHE C 196 17.63 -7.75 7.79
N ARG C 197 18.02 -8.27 6.63
CA ARG C 197 17.61 -7.63 5.38
C ARG C 197 16.13 -7.91 5.16
N ASP C 198 15.67 -9.03 5.70
CA ASP C 198 14.26 -9.43 5.62
C ASP C 198 13.47 -8.79 6.76
N LEU C 199 13.58 -7.47 6.87
CA LEU C 199 12.91 -6.72 7.93
C LEU C 199 12.65 -5.33 7.40
N ASN C 200 11.41 -4.86 7.49
CA ASN C 200 11.05 -3.59 6.89
C ASN C 200 11.23 -2.36 7.78
N HIS C 201 11.33 -2.59 9.08
CA HIS C 201 11.64 -1.50 10.03
C HIS C 201 13.14 -1.35 10.19
N VAL C 202 13.64 -0.12 10.26
CA VAL C 202 15.03 0.08 10.67
C VAL C 202 15.09 -0.01 12.18
N CYS C 203 15.91 -0.92 12.70
CA CYS C 203 15.92 -1.23 14.13
C CYS C 203 17.31 -1.41 14.72
N VAL C 204 17.36 -1.55 16.04
CA VAL C 204 18.59 -1.77 16.78
C VAL C 204 18.66 -3.21 17.28
N ILE C 205 19.76 -3.89 16.97
CA ILE C 205 19.94 -5.28 17.38
C ILE C 205 20.14 -5.39 18.90
N SER C 206 19.80 -6.55 19.45
CA SER C 206 20.06 -6.83 20.85
C SER C 206 21.36 -7.60 21.00
N GLU C 207 21.87 -7.70 22.21
CA GLU C 207 23.11 -8.43 22.46
C GLU C 207 22.90 -9.91 22.18
N THR C 208 21.68 -10.38 22.42
CA THR C 208 21.28 -11.74 22.09
C THR C 208 21.42 -11.99 20.59
N GLY C 209 20.90 -11.05 19.80
CA GLY C 209 20.96 -11.17 18.35
C GLY C 209 22.38 -10.99 17.84
N LYS C 210 23.13 -10.09 18.48
CA LYS C 210 24.49 -9.79 18.06
C LYS C 210 25.41 -11.00 18.26
N ALA C 211 25.13 -11.79 19.29
CA ALA C 211 25.90 -13.00 19.55
C ALA C 211 25.43 -14.15 18.67
N LYS C 212 24.12 -14.22 18.46
CA LYS C 212 23.53 -15.31 17.67
C LYS C 212 24.00 -15.30 16.23
N TYR C 213 24.15 -14.11 15.67
CA TYR C 213 24.38 -13.95 14.24
C TYR C 213 25.80 -13.56 13.87
N LYS C 214 26.64 -13.30 14.87
CA LYS C 214 28.02 -12.90 14.60
C LYS C 214 28.78 -13.98 13.84
N ALA C 215 29.74 -13.55 13.02
CA ALA C 215 30.56 -14.48 12.25
C ALA C 215 31.38 -15.37 13.18
N SER D 2 -1.18 -2.26 27.34
CA SER D 2 -0.23 -1.20 26.98
C SER D 2 -0.93 0.13 26.75
N PRO D 3 -0.28 1.23 27.15
CA PRO D 3 -0.80 2.57 26.92
C PRO D 3 -0.62 3.03 25.48
N GLY D 4 -0.03 2.17 24.64
CA GLY D 4 0.22 2.50 23.25
C GLY D 4 1.49 3.29 23.08
N VAL D 5 1.77 3.71 21.84
CA VAL D 5 2.95 4.53 21.57
C VAL D 5 2.78 5.89 22.24
N VAL D 6 3.64 6.19 23.19
CA VAL D 6 3.51 7.40 24.00
C VAL D 6 4.22 8.60 23.36
N ILE D 7 3.45 9.66 23.12
CA ILE D 7 4.01 10.92 22.65
C ILE D 7 4.15 11.85 23.85
N SER D 8 5.37 12.31 24.11
CA SER D 8 5.63 13.16 25.27
C SER D 8 5.09 14.57 25.08
N ASP D 9 5.15 15.35 26.15
CA ASP D 9 4.73 16.76 26.12
C ASP D 9 5.73 17.63 25.37
N ASP D 10 7.01 17.24 25.39
CA ASP D 10 8.07 18.02 24.79
C ASP D 10 8.28 17.73 23.30
N GLU D 11 7.58 16.72 22.78
CA GLU D 11 7.70 16.34 21.37
C GLU D 11 7.31 17.49 20.44
N PRO D 12 8.28 18.00 19.68
CA PRO D 12 8.05 19.13 18.76
C PRO D 12 7.44 18.70 17.43
N GLY D 13 7.32 17.39 17.22
CA GLY D 13 6.78 16.88 15.98
C GLY D 13 7.79 16.90 14.84
N TYR D 14 7.29 17.06 13.62
CA TYR D 14 8.15 17.08 12.45
C TYR D 14 7.91 18.32 11.60
N ASP D 15 9.00 18.84 11.02
CA ASP D 15 8.92 19.97 10.11
C ASP D 15 8.07 19.64 8.90
N LEU D 16 7.29 20.63 8.44
CA LEU D 16 6.34 20.42 7.35
C LEU D 16 6.98 20.01 6.03
N ASP D 17 8.07 20.67 5.65
CA ASP D 17 8.70 20.42 4.35
C ASP D 17 9.56 19.15 4.30
N LEU D 18 9.49 18.33 5.35
CA LEU D 18 10.14 17.02 5.34
C LEU D 18 9.18 15.96 4.84
N PHE D 19 7.92 16.34 4.63
CA PHE D 19 6.90 15.38 4.17
C PHE D 19 6.06 15.94 3.03
N CYS D 20 5.26 15.06 2.42
CA CYS D 20 4.30 15.47 1.40
C CYS D 20 3.02 15.97 2.08
N ILE D 21 2.75 17.25 1.93
CA ILE D 21 1.67 17.92 2.65
C ILE D 21 0.63 18.44 1.66
N PRO D 22 -0.67 18.30 1.99
CA PRO D 22 -1.75 18.90 1.21
C PRO D 22 -1.45 20.36 0.89
N ASN D 23 -1.43 20.68 -0.40
CA ASN D 23 -1.01 21.99 -0.87
C ASN D 23 -1.87 23.14 -0.35
N HIS D 24 -3.14 22.86 -0.07
CA HIS D 24 -4.07 23.89 0.38
C HIS D 24 -4.00 24.14 1.89
N TYR D 25 -3.22 23.31 2.59
CA TYR D 25 -3.02 23.47 4.02
C TYR D 25 -1.58 23.90 4.29
N ALA D 26 -0.93 24.46 3.28
CA ALA D 26 0.49 24.79 3.32
C ALA D 26 0.91 25.66 4.50
N GLU D 27 0.11 26.66 4.83
CA GLU D 27 0.42 27.53 5.97
C GLU D 27 -0.63 27.43 7.07
N ASP D 28 -1.46 26.40 7.01
CA ASP D 28 -2.51 26.21 8.00
C ASP D 28 -2.08 25.21 9.08
N LEU D 29 -1.00 24.49 8.82
CA LEU D 29 -0.47 23.54 9.80
C LEU D 29 0.83 24.08 10.41
N GLU D 30 1.16 23.60 11.60
CA GLU D 30 2.38 24.04 12.27
C GLU D 30 3.48 22.99 12.14
N ARG D 31 3.19 21.78 12.62
CA ARG D 31 4.13 20.66 12.54
C ARG D 31 3.35 19.40 12.25
N VAL D 32 4.03 18.39 11.71
CA VAL D 32 3.45 17.06 11.59
C VAL D 32 3.61 16.34 12.92
N PHE D 33 2.49 15.96 13.54
CA PHE D 33 2.51 15.38 14.88
C PHE D 33 2.77 13.88 14.84
N ILE D 34 1.97 13.16 14.04
CA ILE D 34 2.15 11.73 13.84
C ILE D 34 2.09 11.40 12.36
N PRO D 35 3.23 11.04 11.76
CA PRO D 35 3.28 10.67 10.34
C PRO D 35 2.30 9.53 10.03
N HIS D 36 1.66 9.62 8.87
CA HIS D 36 0.65 8.65 8.44
C HIS D 36 1.19 7.22 8.46
N GLY D 37 2.42 7.05 8.00
CA GLY D 37 3.03 5.74 7.93
C GLY D 37 3.20 5.11 9.30
N LEU D 38 3.50 5.94 10.29
CA LEU D 38 3.61 5.50 11.68
C LEU D 38 2.27 5.01 12.20
N ILE D 39 1.21 5.72 11.82
CA ILE D 39 -0.15 5.32 12.18
C ILE D 39 -0.45 3.95 11.59
N MET D 40 0.00 3.72 10.36
CA MET D 40 -0.23 2.45 9.69
C MET D 40 0.45 1.27 10.38
N ASP D 41 1.73 1.41 10.69
CA ASP D 41 2.48 0.37 11.39
C ASP D 41 1.81 0.04 12.71
N ARG D 42 1.47 1.07 13.48
CA ARG D 42 0.83 0.89 14.77
C ARG D 42 -0.53 0.22 14.62
N THR D 43 -1.30 0.68 13.63
CA THR D 43 -2.61 0.10 13.34
C THR D 43 -2.53 -1.37 12.95
N GLU D 44 -1.48 -1.73 12.21
CA GLU D 44 -1.22 -3.11 11.82
C GLU D 44 -1.06 -4.01 13.04
N ARG D 45 -0.29 -3.55 14.02
CA ARG D 45 -0.11 -4.32 15.25
C ARG D 45 -1.41 -4.43 16.04
N LEU D 46 -2.16 -3.33 16.08
CA LEU D 46 -3.46 -3.32 16.75
C LEU D 46 -4.42 -4.35 16.14
N ALA D 47 -4.38 -4.46 14.82
CA ALA D 47 -5.24 -5.42 14.13
C ALA D 47 -5.00 -6.83 14.62
N ARG D 48 -3.72 -7.17 14.80
CA ARG D 48 -3.37 -8.48 15.29
C ARG D 48 -3.85 -8.66 16.73
N ASP D 49 -3.69 -7.62 17.54
CA ASP D 49 -4.14 -7.65 18.92
C ASP D 49 -5.66 -7.80 19.00
N VAL D 50 -6.36 -7.12 18.10
CA VAL D 50 -7.83 -7.18 18.08
C VAL D 50 -8.30 -8.60 17.79
N MET D 51 -7.73 -9.22 16.77
CA MET D 51 -8.14 -10.56 16.35
CA MET D 51 -8.13 -10.56 16.35
C MET D 51 -7.82 -11.63 17.39
N LYS D 52 -6.76 -11.42 18.16
CA LYS D 52 -6.39 -12.41 19.17
C LYS D 52 -7.37 -12.37 20.35
N GLU D 53 -8.00 -11.22 20.55
CA GLU D 53 -8.93 -11.06 21.67
C GLU D 53 -10.40 -11.24 21.24
N MET D 54 -10.71 -10.90 20.00
CA MET D 54 -12.09 -10.86 19.56
C MET D 54 -12.39 -11.84 18.42
N GLY D 55 -11.37 -12.55 17.94
CA GLY D 55 -11.51 -13.38 16.76
C GLY D 55 -12.22 -14.69 16.98
N GLY D 56 -12.67 -14.93 18.21
CA GLY D 56 -13.32 -16.18 18.55
C GLY D 56 -14.79 -16.22 18.21
N HIS D 57 -15.33 -15.10 17.75
CA HIS D 57 -16.75 -15.03 17.46
C HIS D 57 -17.06 -13.89 16.51
N HIS D 58 -18.24 -13.95 15.90
CA HIS D 58 -18.71 -12.94 14.95
C HIS D 58 -18.50 -11.52 15.48
N ILE D 59 -17.80 -10.71 14.70
CA ILE D 59 -17.48 -9.35 15.10
C ILE D 59 -18.35 -8.31 14.39
N VAL D 60 -18.93 -7.41 15.16
CA VAL D 60 -19.58 -6.23 14.61
C VAL D 60 -18.73 -5.01 14.89
N ALA D 61 -18.17 -4.41 13.84
CA ALA D 61 -17.32 -3.23 13.99
C ALA D 61 -18.13 -1.95 13.81
N LEU D 62 -18.15 -1.11 14.85
CA LEU D 62 -18.91 0.13 14.84
C LEU D 62 -17.98 1.31 14.63
N CYS D 63 -18.24 2.10 13.58
CA CYS D 63 -17.43 3.28 13.32
C CYS D 63 -18.12 4.53 13.85
N VAL D 64 -17.43 5.26 14.72
CA VAL D 64 -17.97 6.52 15.23
C VAL D 64 -17.60 7.66 14.30
N LEU D 65 -18.49 7.94 13.35
CA LEU D 65 -18.32 9.03 12.39
C LEU D 65 -18.28 10.37 13.11
N LYS D 66 -17.57 11.35 12.55
CA LYS D 66 -16.84 11.20 11.29
C LYS D 66 -15.37 10.88 11.55
N GLY D 67 -14.86 11.35 12.68
CA GLY D 67 -13.44 11.28 12.98
C GLY D 67 -12.83 9.89 12.98
N GLY D 68 -13.67 8.88 13.21
CA GLY D 68 -13.19 7.52 13.29
C GLY D 68 -13.07 6.80 11.96
N TYR D 69 -13.57 7.41 10.89
CA TYR D 69 -13.68 6.71 9.60
C TYR D 69 -12.35 6.22 9.00
N LYS D 70 -11.31 7.03 9.06
CA LYS D 70 -10.00 6.62 8.56
C LYS D 70 -9.38 5.48 9.37
N PHE D 71 -9.38 5.62 10.70
CA PHE D 71 -8.84 4.61 11.58
C PHE D 71 -9.62 3.31 11.43
N PHE D 72 -10.93 3.43 11.23
CA PHE D 72 -11.82 2.31 11.02
C PHE D 72 -11.49 1.53 9.76
N ALA D 73 -11.34 2.23 8.64
CA ALA D 73 -11.08 1.57 7.36
C ALA D 73 -9.71 0.90 7.34
N ASP D 74 -8.72 1.57 7.91
CA ASP D 74 -7.36 1.03 7.95
C ASP D 74 -7.24 -0.15 8.90
N LEU D 75 -7.89 -0.06 10.06
CA LEU D 75 -7.86 -1.15 11.04
C LEU D 75 -8.51 -2.39 10.46
N LEU D 76 -9.64 -2.22 9.79
CA LEU D 76 -10.36 -3.35 9.21
C LEU D 76 -9.63 -3.97 8.02
N ASP D 77 -8.88 -3.16 7.28
CA ASP D 77 -8.08 -3.68 6.18
C ASP D 77 -6.97 -4.60 6.69
N TYR D 78 -6.25 -4.16 7.71
CA TYR D 78 -5.18 -4.97 8.29
C TYR D 78 -5.76 -6.25 8.90
N ILE D 79 -6.95 -6.15 9.47
CA ILE D 79 -7.65 -7.32 9.99
C ILE D 79 -8.01 -8.26 8.83
N LYS D 80 -8.42 -7.69 7.70
CA LYS D 80 -8.72 -8.51 6.53
C LYS D 80 -7.47 -9.20 5.98
N ALA D 81 -6.34 -8.50 6.01
CA ALA D 81 -5.09 -9.10 5.58
C ALA D 81 -4.76 -10.33 6.43
N LEU D 82 -5.01 -10.25 7.73
CA LEU D 82 -4.84 -11.40 8.61
C LEU D 82 -5.78 -12.55 8.24
N ASN D 83 -7.04 -12.21 8.01
CA ASN D 83 -8.07 -13.21 7.79
C ASN D 83 -8.00 -13.97 6.45
N ARG D 84 -7.35 -13.37 5.45
CA ARG D 84 -7.21 -14.05 4.17
C ARG D 84 -5.85 -14.74 4.06
N ASN D 85 -5.07 -14.69 5.14
CA ASN D 85 -3.75 -15.31 5.15
C ASN D 85 -3.54 -16.25 6.33
N SER D 86 -4.61 -16.54 7.06
CA SER D 86 -4.55 -17.44 8.20
C SER D 86 -5.47 -18.63 8.01
N ASP D 87 -5.28 -19.66 8.82
CA ASP D 87 -6.09 -20.86 8.76
C ASP D 87 -7.34 -20.72 9.65
N ARG D 88 -7.39 -19.61 10.38
CA ARG D 88 -8.51 -19.32 11.26
C ARG D 88 -8.90 -17.84 11.20
N SER D 89 -10.18 -17.58 10.96
CA SER D 89 -10.71 -16.22 10.94
C SER D 89 -12.17 -16.24 11.34
N ILE D 90 -12.82 -15.09 11.23
CA ILE D 90 -14.22 -14.99 11.62
C ILE D 90 -14.92 -13.92 10.77
N PRO D 91 -16.19 -14.14 10.42
CA PRO D 91 -16.95 -13.11 9.70
C PRO D 91 -17.06 -11.83 10.51
N MET D 92 -17.01 -10.70 9.81
CA MET D 92 -17.22 -9.41 10.45
C MET D 92 -18.27 -8.62 9.68
N THR D 93 -19.24 -8.07 10.40
CA THR D 93 -20.18 -7.13 9.81
C THR D 93 -19.82 -5.74 10.32
N VAL D 94 -20.26 -4.71 9.60
CA VAL D 94 -19.93 -3.35 10.00
C VAL D 94 -21.17 -2.48 10.16
N ASP D 95 -21.00 -1.38 10.88
CA ASP D 95 -22.06 -0.41 11.09
C ASP D 95 -21.45 0.94 11.38
N PHE D 96 -22.19 2.00 11.06
CA PHE D 96 -21.70 3.36 11.24
C PHE D 96 -22.66 4.15 12.12
N ILE D 97 -22.12 4.81 13.14
CA ILE D 97 -22.95 5.57 14.06
C ILE D 97 -22.42 6.98 14.33
N ARG D 98 -23.31 7.86 14.77
CA ARG D 98 -22.92 9.17 15.27
C ARG D 98 -23.47 9.32 16.68
N LEU D 99 -22.78 10.09 17.51
CA LEU D 99 -23.17 10.27 18.90
C LEU D 99 -23.42 11.75 19.19
N LYS D 100 -24.63 12.06 19.66
CA LYS D 100 -24.99 13.45 19.96
C LYS D 100 -25.00 13.71 21.46
N ILE D 111 -27.35 8.10 26.48
CA ILE D 111 -26.69 8.66 25.29
C ILE D 111 -27.49 8.34 24.03
N LYS D 112 -27.51 9.30 23.09
CA LYS D 112 -28.27 9.14 21.86
C LYS D 112 -27.38 8.72 20.70
N VAL D 113 -27.66 7.55 20.15
CA VAL D 113 -26.95 7.06 18.96
C VAL D 113 -27.65 7.53 17.70
N ILE D 114 -26.96 8.33 16.90
CA ILE D 114 -27.53 8.87 15.68
C ILE D 114 -27.19 7.99 14.48
N GLY D 115 -28.22 7.41 13.87
CA GLY D 115 -28.02 6.50 12.77
C GLY D 115 -27.65 5.10 13.26
N GLY D 116 -27.23 4.24 12.36
CA GLY D 116 -26.88 2.88 12.71
C GLY D 116 -28.08 1.96 12.81
N ASP D 117 -27.83 0.66 12.76
CA ASP D 117 -28.88 -0.34 12.84
C ASP D 117 -29.45 -0.41 14.25
N ASP D 118 -30.51 -1.20 14.42
CA ASP D 118 -31.08 -1.46 15.74
C ASP D 118 -30.02 -2.10 16.62
N LEU D 119 -29.91 -1.61 17.85
CA LEU D 119 -28.86 -2.09 18.75
C LEU D 119 -29.03 -3.55 19.13
N SER D 120 -30.20 -4.11 18.82
CA SER D 120 -30.45 -5.53 19.04
C SER D 120 -29.57 -6.39 18.13
N THR D 121 -28.95 -5.78 17.12
CA THR D 121 -28.04 -6.50 16.23
C THR D 121 -26.70 -6.75 16.90
N LEU D 122 -26.51 -6.18 18.09
CA LEU D 122 -25.26 -6.31 18.82
C LEU D 122 -25.30 -7.48 19.78
N THR D 123 -26.51 -7.99 20.03
CA THR D 123 -26.73 -9.04 21.01
C THR D 123 -26.02 -10.35 20.67
N GLY D 124 -25.20 -10.82 21.61
CA GLY D 124 -24.49 -12.08 21.45
C GLY D 124 -23.35 -12.03 20.47
N LYS D 125 -22.91 -10.82 20.14
CA LYS D 125 -21.80 -10.66 19.19
C LYS D 125 -20.63 -9.92 19.81
N ASN D 126 -19.45 -10.09 19.23
CA ASN D 126 -18.26 -9.36 19.67
C ASN D 126 -18.24 -7.97 19.09
N VAL D 127 -18.61 -6.99 19.90
CA VAL D 127 -18.73 -5.61 19.42
C VAL D 127 -17.43 -4.84 19.57
N LEU D 128 -16.93 -4.31 18.47
CA LEU D 128 -15.76 -3.43 18.50
C LEU D 128 -16.13 -2.02 18.11
N ILE D 129 -16.06 -1.11 19.08
CA ILE D 129 -16.29 0.31 18.80
C ILE D 129 -14.99 0.99 18.41
N VAL D 130 -15.01 1.71 17.30
CA VAL D 130 -13.80 2.34 16.79
C VAL D 130 -13.90 3.87 16.87
N GLU D 131 -12.98 4.47 17.63
CA GLU D 131 -12.98 5.91 17.82
C GLU D 131 -11.70 6.56 17.31
N ASP D 132 -11.74 7.87 17.14
CA ASP D 132 -10.57 8.63 16.75
C ASP D 132 -9.78 9.08 17.99
N ILE D 133 -10.51 9.48 19.03
CA ILE D 133 -9.86 10.06 20.20
C ILE D 133 -10.65 9.85 21.50
N ILE D 134 -9.92 9.60 22.59
CA ILE D 134 -10.49 9.60 23.93
C ILE D 134 -9.91 10.78 24.69
N ASP D 135 -10.77 11.61 25.26
CA ASP D 135 -10.34 12.79 26.00
C ASP D 135 -10.71 12.65 27.48
N THR D 136 -11.94 13.02 27.83
CA THR D 136 -12.43 12.83 29.19
C THR D 136 -12.80 11.36 29.40
N GLY D 137 -13.16 10.68 28.32
CA GLY D 137 -13.54 9.28 28.37
C GLY D 137 -15.02 9.12 28.65
N LYS D 138 -15.72 10.25 28.76
CA LYS D 138 -17.14 10.25 29.10
C LYS D 138 -17.97 9.63 28.00
N THR D 139 -17.65 9.98 26.75
CA THR D 139 -18.39 9.52 25.59
C THR D 139 -18.46 7.99 25.51
N MET D 140 -17.33 7.32 25.70
CA MET D 140 -17.29 5.87 25.61
CA MET D 140 -17.29 5.87 25.61
C MET D 140 -17.97 5.19 26.79
N GLN D 141 -17.76 5.73 27.99
CA GLN D 141 -18.36 5.17 29.19
C GLN D 141 -19.88 5.10 29.10
N THR D 142 -20.49 6.19 28.65
CA THR D 142 -21.95 6.21 28.52
C THR D 142 -22.41 5.31 27.38
N LEU D 143 -21.63 5.26 26.30
CA LEU D 143 -21.96 4.40 25.18
C LEU D 143 -21.86 2.93 25.59
N LEU D 144 -20.81 2.60 26.32
CA LEU D 144 -20.63 1.24 26.85
C LEU D 144 -21.78 0.83 27.75
N SER D 145 -22.15 1.72 28.68
CA SER D 145 -23.22 1.43 29.63
C SER D 145 -24.55 1.22 28.92
N LEU D 146 -24.69 1.82 27.74
CA LEU D 146 -25.87 1.61 26.90
C LEU D 146 -25.78 0.31 26.12
N VAL D 147 -24.63 0.07 25.50
CA VAL D 147 -24.42 -1.11 24.66
C VAL D 147 -24.52 -2.43 25.45
N ARG D 148 -23.99 -2.43 26.66
CA ARG D 148 -24.03 -3.62 27.51
C ARG D 148 -25.45 -4.11 27.76
N GLN D 149 -26.41 -3.19 27.68
CA GLN D 149 -27.81 -3.52 27.97
C GLN D 149 -28.45 -4.32 26.85
N TYR D 150 -27.75 -4.43 25.71
CA TYR D 150 -28.22 -5.25 24.60
C TYR D 150 -27.52 -6.62 24.62
N ASN D 151 -26.74 -6.84 25.67
CA ASN D 151 -26.09 -8.12 25.93
CA ASN D 151 -26.09 -8.12 25.93
C ASN D 151 -25.23 -8.64 24.78
N PRO D 152 -24.12 -7.95 24.49
CA PRO D 152 -23.21 -8.52 23.48
C PRO D 152 -22.40 -9.61 24.15
N LYS D 153 -21.75 -10.48 23.38
CA LYS D 153 -20.89 -11.49 23.96
C LYS D 153 -19.74 -10.76 24.66
N MET D 154 -19.23 -9.74 24.00
CA MET D 154 -18.24 -8.84 24.58
C MET D 154 -18.35 -7.50 23.87
N VAL D 155 -17.78 -6.46 24.46
CA VAL D 155 -17.69 -5.17 23.79
C VAL D 155 -16.36 -4.51 24.10
N LYS D 156 -15.63 -4.17 23.04
CA LYS D 156 -14.28 -3.61 23.20
C LYS D 156 -14.22 -2.27 22.48
N VAL D 157 -13.18 -1.51 22.79
CA VAL D 157 -13.04 -0.19 22.23
C VAL D 157 -11.62 0.02 21.70
N ALA D 158 -11.53 0.43 20.45
CA ALA D 158 -10.24 0.81 19.88
C ALA D 158 -10.27 2.30 19.57
N SER D 159 -9.25 3.01 20.04
CA SER D 159 -9.14 4.44 19.78
C SER D 159 -7.75 4.75 19.27
N LEU D 160 -7.67 5.51 18.18
CA LEU D 160 -6.38 5.91 17.63
C LEU D 160 -5.61 6.70 18.67
N LEU D 161 -6.30 7.61 19.36
CA LEU D 161 -5.65 8.54 20.27
C LEU D 161 -6.25 8.52 21.68
N VAL D 162 -5.38 8.60 22.68
CA VAL D 162 -5.80 8.81 24.05
C VAL D 162 -5.01 9.99 24.64
N LYS D 163 -5.73 10.97 25.16
CA LYS D 163 -5.09 12.15 25.73
C LYS D 163 -4.78 11.98 27.21
N ARG D 164 -3.64 12.51 27.62
CA ARG D 164 -3.32 12.61 29.05
C ARG D 164 -3.93 13.89 29.57
N THR D 165 -4.89 13.76 30.48
CA THR D 165 -5.61 14.92 31.00
C THR D 165 -6.17 14.65 32.39
N PRO D 166 -6.06 15.65 33.28
CA PRO D 166 -6.55 15.55 34.66
C PRO D 166 -8.07 15.39 34.76
N ARG D 167 -8.80 15.84 33.73
CA ARG D 167 -10.25 15.74 33.76
C ARG D 167 -10.75 14.41 33.19
N SER D 168 -9.84 13.45 33.06
CA SER D 168 -10.21 12.11 32.63
C SER D 168 -10.99 11.39 33.73
N VAL D 169 -12.12 10.80 33.35
CA VAL D 169 -12.97 10.07 34.29
C VAL D 169 -12.32 8.74 34.66
N GLY D 170 -11.19 8.44 34.03
CA GLY D 170 -10.41 7.26 34.37
C GLY D 170 -10.68 6.09 33.45
N TYR D 171 -11.41 6.34 32.37
CA TYR D 171 -11.69 5.28 31.41
C TYR D 171 -10.52 5.06 30.47
N LYS D 172 -10.21 3.78 30.21
CA LYS D 172 -9.17 3.41 29.26
C LYS D 172 -9.70 2.40 28.25
N PRO D 173 -9.54 2.70 26.96
CA PRO D 173 -9.99 1.79 25.90
C PRO D 173 -9.10 0.55 25.84
N ASP D 174 -9.64 -0.54 25.29
CA ASP D 174 -8.93 -1.81 25.26
C ASP D 174 -7.77 -1.79 24.27
N PHE D 175 -7.92 -0.99 23.21
CA PHE D 175 -6.88 -0.86 22.20
C PHE D 175 -6.56 0.61 21.96
N VAL D 176 -5.30 0.96 22.07
CA VAL D 176 -4.86 2.35 21.93
C VAL D 176 -3.72 2.47 20.94
N GLY D 177 -3.87 3.38 19.98
CA GLY D 177 -2.81 3.64 19.04
C GLY D 177 -1.69 4.47 19.65
N PHE D 178 -2.03 5.70 20.03
CA PHE D 178 -1.04 6.64 20.54
C PHE D 178 -1.56 7.36 21.78
N GLU D 179 -0.71 7.52 22.78
CA GLU D 179 -1.04 8.37 23.92
C GLU D 179 -0.39 9.73 23.74
N ILE D 180 -1.22 10.74 23.51
CA ILE D 180 -0.73 12.07 23.20
C ILE D 180 -0.99 13.05 24.35
N PRO D 181 -0.24 14.17 24.39
CA PRO D 181 -0.52 15.18 25.41
C PRO D 181 -1.81 15.93 25.13
N ASP D 182 -2.18 16.85 26.00
CA ASP D 182 -3.39 17.64 25.85
C ASP D 182 -3.21 18.76 24.83
N LYS D 183 -2.96 18.39 23.59
CA LYS D 183 -2.83 19.35 22.49
C LYS D 183 -3.94 19.11 21.49
N PHE D 184 -4.35 20.15 20.79
CA PHE D 184 -5.37 19.99 19.75
C PHE D 184 -4.74 19.51 18.45
N VAL D 185 -5.13 18.33 18.00
CA VAL D 185 -4.59 17.76 16.77
C VAL D 185 -5.67 17.57 15.70
N VAL D 186 -5.26 17.64 14.44
CA VAL D 186 -6.18 17.42 13.32
C VAL D 186 -5.55 16.44 12.33
N GLY D 187 -6.34 16.02 11.35
CA GLY D 187 -5.85 15.11 10.32
C GLY D 187 -6.21 13.67 10.58
N TYR D 188 -6.07 12.83 9.55
CA TYR D 188 -6.48 11.43 9.62
C TYR D 188 -7.93 11.35 10.06
N ALA D 189 -8.78 12.10 9.36
CA ALA D 189 -10.22 12.23 9.62
C ALA D 189 -10.59 13.14 10.81
N LEU D 190 -9.61 13.47 11.64
CA LEU D 190 -9.86 14.40 12.74
C LEU D 190 -9.98 15.83 12.19
N ASP D 191 -10.92 16.60 12.73
CA ASP D 191 -11.26 17.89 12.13
C ASP D 191 -11.06 19.10 13.03
N TYR D 192 -10.91 20.25 12.39
CA TYR D 192 -11.07 21.55 13.02
C TYR D 192 -12.17 22.29 12.24
N ASN D 193 -13.37 22.30 12.80
CA ASN D 193 -14.55 22.83 12.12
C ASN D 193 -14.77 22.20 10.75
N GLU D 194 -14.77 20.87 10.73
CA GLU D 194 -15.01 20.06 9.53
C GLU D 194 -13.87 20.09 8.50
N TYR D 195 -12.82 20.84 8.78
CA TYR D 195 -11.66 20.87 7.89
C TYR D 195 -10.55 19.94 8.37
N PHE D 196 -9.56 19.73 7.51
CA PHE D 196 -8.40 18.86 7.77
C PHE D 196 -8.72 17.36 7.80
N ARG D 197 -9.96 16.99 7.48
CA ARG D 197 -10.30 15.58 7.38
C ARG D 197 -9.65 14.97 6.15
N ASP D 198 -9.37 15.82 5.16
CA ASP D 198 -8.70 15.40 3.93
C ASP D 198 -7.18 15.51 4.10
N LEU D 199 -6.68 15.03 5.22
CA LEU D 199 -5.26 15.12 5.51
C LEU D 199 -4.70 13.76 5.92
N ASN D 200 -3.53 13.45 5.35
CA ASN D 200 -2.87 12.18 5.57
C ASN D 200 -2.39 11.97 7.02
N HIS D 201 -1.66 12.95 7.54
CA HIS D 201 -1.03 12.82 8.84
C HIS D 201 -1.87 13.43 9.96
N VAL D 202 -1.51 13.11 11.20
CA VAL D 202 -2.02 13.83 12.35
C VAL D 202 -1.09 15.02 12.56
N CYS D 203 -1.66 16.21 12.72
CA CYS D 203 -0.85 17.42 12.77
C CYS D 203 -1.42 18.49 13.70
N VAL D 204 -0.61 19.51 13.96
CA VAL D 204 -1.03 20.66 14.74
C VAL D 204 -1.21 21.86 13.81
N ILE D 205 -2.34 22.55 13.93
CA ILE D 205 -2.61 23.68 13.07
C ILE D 205 -1.81 24.92 13.49
N SER D 206 -1.50 25.77 12.52
CA SER D 206 -0.77 27.00 12.79
C SER D 206 -1.72 28.06 13.29
N GLU D 207 -1.18 29.23 13.62
CA GLU D 207 -2.00 30.34 14.09
C GLU D 207 -2.85 30.86 12.93
N THR D 208 -2.25 30.86 11.74
CA THR D 208 -2.93 31.29 10.52
C THR D 208 -4.15 30.43 10.22
N GLY D 209 -3.94 29.11 10.21
CA GLY D 209 -5.01 28.18 9.89
C GLY D 209 -6.14 28.17 10.90
N LYS D 210 -5.81 28.42 12.16
CA LYS D 210 -6.80 28.39 13.23
C LYS D 210 -7.81 29.54 13.08
N ALA D 211 -7.32 30.67 12.63
CA ALA D 211 -8.18 31.84 12.40
C ALA D 211 -8.85 31.74 11.04
N LYS D 212 -8.20 31.02 10.12
CA LYS D 212 -8.69 30.90 8.75
C LYS D 212 -9.97 30.08 8.70
N TYR D 213 -10.04 29.05 9.53
CA TYR D 213 -11.19 28.16 9.55
C TYR D 213 -12.00 28.30 10.84
N LYS D 214 -11.94 29.48 11.44
CA LYS D 214 -12.70 29.77 12.66
C LYS D 214 -14.20 29.67 12.40
N ALA D 215 -14.88 28.90 13.26
CA ALA D 215 -16.31 28.67 13.11
C ALA D 215 -17.10 29.97 13.22
#